data_2OI6
#
_entry.id   2OI6
#
_cell.length_a   102.760
_cell.length_b   102.760
_cell.length_c   644.828
_cell.angle_alpha   90.00
_cell.angle_beta   90.00
_cell.angle_gamma   120.00
#
_symmetry.space_group_name_H-M   'H 3 2'
#
loop_
_entity.id
_entity.type
_entity.pdbx_description
1 polymer 'Bifunctional protein glmU'
2 non-polymer 2-amino-2-deoxy-1-O-phosphono-alpha-D-glucopyranose
3 non-polymer 'COBALT (II) ION'
4 non-polymer 'MAGNESIUM ION'
5 non-polymer 'COENZYME A'
6 non-polymer URIDINE-DIPHOSPHATE-N-ACETYLGLUCOSAMINE
7 non-polymer 'SULFATE ION'
8 water water
#
_entity_poly.entity_id   1
_entity_poly.type   'polypeptide(L)'
_entity_poly.pdbx_seq_one_letter_code
;MLNNAMSVVILAAGKGTRMYSDLPKVLHTLAGKAMVQHVIDAANELGAAHVHLVYGHGGDLLKQALKDDNLNWVLQAEQL
GTGHAMQQAAPFFADDEDILMLYGDVPLISVETLQRLRDAKPQGGIGLLTVKLDDPTGYGRITRENGKVTGIVEHKDATD
EQRQIQEINTGILIANGADMKRWLAKLTNNNAQGEYYITDIIALAYQEGREIVAVHPQRLSEVEGVNNRLQLSRLERVYQ
SEQAEKLLLAGVMLRDPARFDLRGTLTHGRDVEIDTNVIIEGNVTLGHRVKIGTGCVIKNSVIGDDCEISPYTVVEDANL
AAACTIGPFARLRPGAELLEGAHVGNFVEMKKARLGKGSKAGHLTYLGDAEIGDNVNIGAGTITCNYDGANKFKTIIGDD
VFVGSDTQLVAPVTVGKGATIAAGTTVTRNVGENALAISRVPQTQKEGWRRPVKKK
;
_entity_poly.pdbx_strand_id   A,B
#
# COMPACT_ATOMS: atom_id res chain seq x y z
N ASN A 4 69.41 20.30 25.34
CA ASN A 4 69.53 21.70 24.84
C ASN A 4 68.28 22.01 24.00
N ALA A 5 67.71 23.19 24.18
CA ALA A 5 66.51 23.60 23.44
C ALA A 5 66.87 23.93 21.99
N MET A 6 65.99 23.57 21.06
CA MET A 6 66.27 23.82 19.65
C MET A 6 65.05 24.09 18.77
N SER A 7 65.14 25.09 17.89
CA SER A 7 64.04 25.35 16.95
C SER A 7 64.61 25.22 15.53
N VAL A 8 63.73 25.02 14.57
CA VAL A 8 64.13 24.83 13.21
C VAL A 8 63.52 25.89 12.32
N VAL A 9 64.32 26.34 11.35
CA VAL A 9 63.84 27.29 10.36
C VAL A 9 63.93 26.59 8.99
N ILE A 10 62.87 26.64 8.20
CA ILE A 10 62.83 26.02 6.88
C ILE A 10 62.68 27.10 5.77
N LEU A 11 63.71 27.26 4.94
CA LEU A 11 63.64 28.25 3.87
C LEU A 11 62.88 27.58 2.74
N ALA A 12 61.76 28.17 2.34
CA ALA A 12 60.97 27.63 1.24
C ALA A 12 60.37 28.78 0.40
N ALA A 13 61.09 29.89 0.31
CA ALA A 13 60.59 31.08 -0.40
C ALA A 13 61.11 31.28 -1.80
N GLY A 14 62.00 30.38 -2.22
CA GLY A 14 62.55 30.45 -3.57
C GLY A 14 61.50 30.07 -4.60
N LYS A 15 61.64 30.57 -5.84
CA LYS A 15 60.68 30.28 -6.92
C LYS A 15 61.04 28.98 -7.64
N GLY A 16 60.04 28.09 -7.76
CA GLY A 16 60.19 26.82 -8.44
C GLY A 16 59.82 26.90 -9.92
N THR A 17 60.56 27.72 -10.69
CA THR A 17 60.26 27.90 -12.13
C THR A 17 60.27 26.69 -13.05
N ARG A 18 61.29 25.82 -12.95
CA ARG A 18 61.36 24.62 -13.81
C ARG A 18 60.39 23.48 -13.46
N MET A 19 59.39 23.77 -12.63
CA MET A 19 58.40 22.77 -12.29
C MET A 19 57.22 22.89 -13.24
N TYR A 20 57.03 24.07 -13.86
CA TYR A 20 55.89 24.30 -14.75
C TYR A 20 54.58 23.90 -14.06
N SER A 21 54.34 24.48 -12.89
CA SER A 21 53.16 24.11 -12.10
C SER A 21 52.39 25.31 -11.56
N ASP A 22 51.09 25.14 -11.30
CA ASP A 22 50.33 26.20 -10.62
C ASP A 22 50.33 25.85 -9.11
N LEU A 23 51.02 24.75 -8.77
CA LEU A 23 51.11 24.43 -7.34
C LEU A 23 52.56 24.74 -6.84
N PRO A 24 52.72 25.48 -5.70
CA PRO A 24 54.07 25.80 -5.19
C PRO A 24 54.90 24.54 -5.14
N LYS A 25 56.15 24.66 -5.59
CA LYS A 25 57.08 23.55 -5.65
C LYS A 25 57.15 22.67 -4.38
N VAL A 26 57.34 23.25 -3.21
CA VAL A 26 57.46 22.47 -1.98
C VAL A 26 56.18 21.67 -1.61
N LEU A 27 55.07 21.93 -2.30
CA LEU A 27 53.82 21.17 -2.03
C LEU A 27 53.76 19.89 -2.90
N HIS A 28 54.63 19.79 -3.89
CA HIS A 28 54.63 18.62 -4.73
C HIS A 28 54.99 17.41 -3.84
N THR A 29 54.28 16.32 -4.06
CA THR A 29 54.44 15.20 -3.19
C THR A 29 55.52 14.20 -3.50
N LEU A 30 55.95 13.54 -2.47
CA LEU A 30 56.94 12.52 -2.64
C LEU A 30 56.36 11.47 -1.72
N ALA A 31 56.17 10.25 -2.22
CA ALA A 31 55.54 9.18 -1.44
C ALA A 31 54.20 9.62 -0.82
N GLY A 32 53.42 10.36 -1.59
CA GLY A 32 52.12 10.80 -1.05
C GLY A 32 52.15 11.93 -0.01
N LYS A 33 53.31 12.52 0.20
CA LYS A 33 53.39 13.60 1.15
C LYS A 33 54.18 14.80 0.57
N ALA A 34 53.70 16.02 0.85
CA ALA A 34 54.36 17.22 0.38
C ALA A 34 55.85 17.22 0.74
N MET A 35 56.65 17.63 -0.20
CA MET A 35 58.08 17.68 0.06
C MET A 35 58.37 18.44 1.35
N VAL A 36 57.74 19.61 1.54
CA VAL A 36 58.03 20.39 2.74
C VAL A 36 57.52 19.71 4.00
N GLN A 37 56.49 18.88 3.87
CA GLN A 37 55.95 18.17 5.01
C GLN A 37 57.02 17.15 5.50
N HIS A 38 57.72 16.51 4.55
CA HIS A 38 58.83 15.58 4.92
C HIS A 38 59.86 16.33 5.82
N VAL A 39 60.14 17.57 5.45
CA VAL A 39 61.13 18.39 6.18
C VAL A 39 60.62 18.79 7.55
N ILE A 40 59.34 19.15 7.59
CA ILE A 40 58.69 19.53 8.84
C ILE A 40 58.73 18.30 9.76
N ASP A 41 58.37 17.13 9.21
CA ASP A 41 58.37 15.89 10.00
C ASP A 41 59.76 15.61 10.60
N ALA A 42 60.80 15.79 9.78
CA ALA A 42 62.15 15.61 10.28
C ALA A 42 62.45 16.61 11.40
N ALA A 43 62.01 17.85 11.25
CA ALA A 43 62.25 18.85 12.29
C ALA A 43 61.58 18.45 13.63
N ASN A 44 60.31 18.03 13.56
CA ASN A 44 59.63 17.66 14.78
C ASN A 44 60.18 16.38 15.37
N GLU A 45 60.54 15.47 14.49
CA GLU A 45 61.12 14.21 14.89
C GLU A 45 62.47 14.42 15.56
N LEU A 46 63.15 15.53 15.26
CA LEU A 46 64.46 15.81 15.86
C LEU A 46 64.27 16.42 17.27
N GLY A 47 63.09 16.98 17.53
CA GLY A 47 62.80 17.61 18.81
C GLY A 47 62.55 19.11 18.69
N ALA A 48 62.31 19.61 17.48
CA ALA A 48 62.08 21.04 17.31
C ALA A 48 60.94 21.62 18.17
N ALA A 49 61.25 22.67 18.93
CA ALA A 49 60.23 23.33 19.75
C ALA A 49 59.31 24.13 18.79
N HIS A 50 59.92 24.91 17.91
CA HIS A 50 59.14 25.69 16.96
C HIS A 50 59.69 25.47 15.59
N VAL A 51 58.80 25.44 14.59
CA VAL A 51 59.24 25.31 13.21
C VAL A 51 58.85 26.58 12.47
N HIS A 52 59.85 27.34 12.08
CA HIS A 52 59.63 28.58 11.33
C HIS A 52 59.68 28.25 9.83
N LEU A 53 58.64 28.63 9.10
CA LEU A 53 58.56 28.37 7.67
C LEU A 53 58.59 29.72 6.92
N VAL A 54 59.63 29.93 6.12
CA VAL A 54 59.76 31.18 5.38
C VAL A 54 59.23 30.98 3.98
N TYR A 55 58.19 31.72 3.61
CA TYR A 55 57.63 31.58 2.28
C TYR A 55 57.54 32.94 1.61
N GLY A 56 57.39 32.95 0.29
CA GLY A 56 57.27 34.18 -0.48
C GLY A 56 55.91 34.28 -1.21
N HIS A 57 55.39 33.15 -1.68
CA HIS A 57 54.06 33.13 -2.32
C HIS A 57 53.42 31.76 -2.24
N GLY A 58 52.16 31.67 -2.68
CA GLY A 58 51.39 30.45 -2.60
C GLY A 58 51.00 30.21 -1.17
N GLY A 59 51.01 31.28 -0.37
CA GLY A 59 50.69 31.17 1.04
C GLY A 59 49.36 30.54 1.32
N ASP A 60 48.36 30.90 0.52
CA ASP A 60 47.04 30.31 0.71
C ASP A 60 47.10 28.75 0.56
N LEU A 61 47.65 28.28 -0.56
CA LEU A 61 47.79 26.84 -0.77
C LEU A 61 48.69 26.19 0.31
N LEU A 62 49.78 26.86 0.69
CA LEU A 62 50.66 26.29 1.75
C LEU A 62 49.88 26.11 3.06
N LYS A 63 49.15 27.14 3.50
CA LYS A 63 48.37 27.08 4.75
C LYS A 63 47.29 25.99 4.67
N GLN A 64 46.77 25.75 3.47
CA GLN A 64 45.78 24.70 3.31
C GLN A 64 46.40 23.33 3.47
N ALA A 65 47.61 23.14 2.97
CA ALA A 65 48.29 21.85 3.07
C ALA A 65 48.96 21.58 4.40
N LEU A 66 49.58 22.59 4.99
CA LEU A 66 50.30 22.39 6.25
C LEU A 66 49.49 22.80 7.49
N LYS A 67 49.43 21.95 8.50
CA LYS A 67 48.63 22.27 9.67
C LYS A 67 49.39 22.00 10.94
N ASP A 68 50.68 21.73 10.84
CA ASP A 68 51.41 21.46 12.07
C ASP A 68 51.28 22.61 13.10
N ASP A 69 50.78 22.27 14.29
CA ASP A 69 50.54 23.25 15.35
C ASP A 69 51.71 24.20 15.68
N ASN A 70 52.94 23.66 15.70
CA ASN A 70 54.12 24.46 16.04
C ASN A 70 54.78 25.17 14.87
N LEU A 71 53.98 25.43 13.81
CA LEU A 71 54.47 26.19 12.64
C LEU A 71 54.35 27.72 12.78
N ASN A 72 55.47 28.41 12.67
CA ASN A 72 55.46 29.87 12.70
C ASN A 72 55.70 30.35 11.26
N TRP A 73 54.68 30.94 10.64
CA TRP A 73 54.78 31.45 9.28
C TRP A 73 55.55 32.77 9.19
N VAL A 74 56.58 32.76 8.35
CA VAL A 74 57.44 33.92 8.21
C VAL A 74 57.47 34.30 6.76
N LEU A 75 57.09 35.53 6.49
CA LEU A 75 57.06 35.99 5.14
C LEU A 75 58.38 36.59 4.70
N GLN A 76 58.77 36.29 3.46
CA GLN A 76 59.91 36.91 2.81
C GLN A 76 59.32 37.36 1.43
N ALA A 77 58.82 38.59 1.37
CA ALA A 77 58.20 39.09 0.13
C ALA A 77 59.18 39.12 -1.05
N GLU A 78 60.41 39.55 -0.79
CA GLU A 78 61.43 39.63 -1.83
C GLU A 78 62.52 38.61 -1.53
N GLN A 79 62.92 37.84 -2.55
CA GLN A 79 63.96 36.83 -2.36
C GLN A 79 65.32 37.43 -2.58
N LEU A 80 65.83 38.06 -1.54
CA LEU A 80 67.12 38.69 -1.64
C LEU A 80 68.28 37.82 -1.15
N GLY A 81 68.06 36.51 -1.08
CA GLY A 81 69.11 35.59 -0.65
C GLY A 81 68.78 34.82 0.62
N THR A 82 69.42 33.68 0.83
CA THR A 82 69.19 32.87 2.02
C THR A 82 69.46 33.67 3.28
N GLY A 83 70.41 34.59 3.21
CA GLY A 83 70.76 35.41 4.38
C GLY A 83 69.60 36.31 4.76
N HIS A 84 69.00 36.89 3.73
CA HIS A 84 67.84 37.79 3.86
C HIS A 84 66.65 36.99 4.40
N ALA A 85 66.43 35.80 3.86
CA ALA A 85 65.31 34.96 4.37
C ALA A 85 65.50 34.69 5.87
N MET A 86 66.70 34.33 6.29
CA MET A 86 66.95 34.06 7.71
C MET A 86 66.73 35.32 8.59
N GLN A 87 67.03 36.51 8.05
CA GLN A 87 66.81 37.76 8.80
C GLN A 87 65.33 37.97 9.07
N GLN A 88 64.49 37.49 8.17
CA GLN A 88 63.06 37.64 8.37
C GLN A 88 62.59 36.79 9.53
N ALA A 89 63.21 35.64 9.72
CA ALA A 89 62.81 34.76 10.82
C ALA A 89 63.56 34.98 12.15
N ALA A 90 64.77 35.53 12.04
CA ALA A 90 65.66 35.75 13.18
C ALA A 90 65.01 36.36 14.44
N PRO A 91 64.16 37.41 14.29
CA PRO A 91 63.51 38.03 15.45
C PRO A 91 62.78 37.03 16.32
N PHE A 92 62.28 35.96 15.72
CA PHE A 92 61.59 34.93 16.48
C PHE A 92 62.48 33.89 17.14
N PHE A 93 63.79 33.93 16.91
CA PHE A 93 64.71 32.97 17.52
C PHE A 93 64.88 33.35 19.01
N ALA A 94 64.99 32.33 19.86
CA ALA A 94 65.21 32.55 21.29
C ALA A 94 66.72 32.66 21.47
N ASP A 95 67.15 33.57 22.34
CA ASP A 95 68.57 33.73 22.62
C ASP A 95 69.21 32.47 23.22
N ASP A 96 68.44 31.63 23.91
CA ASP A 96 69.03 30.45 24.55
C ASP A 96 68.68 29.10 23.90
N GLU A 97 68.39 29.12 22.61
CA GLU A 97 68.08 27.89 21.89
C GLU A 97 68.94 27.76 20.66
N ASP A 98 69.17 26.52 20.23
CA ASP A 98 69.90 26.31 19.00
C ASP A 98 68.89 26.50 17.85
N ILE A 99 69.39 26.99 16.73
CA ILE A 99 68.57 27.19 15.53
C ILE A 99 69.20 26.36 14.40
N LEU A 100 68.39 25.45 13.85
CA LEU A 100 68.80 24.55 12.75
C LEU A 100 68.10 25.04 11.50
N MET A 101 68.88 25.22 10.45
CA MET A 101 68.35 25.70 9.16
C MET A 101 68.28 24.55 8.18
N LEU A 102 67.12 24.39 7.55
CA LEU A 102 66.86 23.37 6.54
C LEU A 102 66.18 24.03 5.33
N TYR A 103 66.20 23.30 4.22
CA TYR A 103 65.54 23.74 2.97
C TYR A 103 64.21 22.96 2.79
N GLY A 104 63.19 23.67 2.33
CA GLY A 104 61.92 23.05 2.10
C GLY A 104 61.91 22.12 0.89
N ASP A 105 62.92 22.19 0.01
CA ASP A 105 62.92 21.33 -1.18
C ASP A 105 64.04 20.23 -1.13
N VAL A 106 64.41 19.77 0.09
CA VAL A 106 65.46 18.74 0.30
C VAL A 106 64.74 17.79 1.27
N PRO A 107 63.80 17.03 0.72
CA PRO A 107 62.96 16.10 1.45
C PRO A 107 63.52 14.87 2.13
N LEU A 108 64.70 14.40 1.72
CA LEU A 108 65.23 13.16 2.30
C LEU A 108 66.19 13.24 3.44
N ILE A 109 66.43 14.46 3.92
CA ILE A 109 67.33 14.69 5.07
C ILE A 109 66.91 13.77 6.26
N SER A 110 67.84 13.00 6.79
CA SER A 110 67.49 12.09 7.89
C SER A 110 67.71 12.67 9.27
N VAL A 111 66.82 12.35 10.19
CA VAL A 111 66.97 12.83 11.55
C VAL A 111 68.28 12.37 12.15
N GLU A 112 68.74 11.17 11.75
CA GLU A 112 70.00 10.63 12.31
C GLU A 112 71.19 11.53 11.96
N THR A 113 71.24 12.02 10.72
CA THR A 113 72.30 12.94 10.31
C THR A 113 72.14 14.30 11.06
N LEU A 114 70.89 14.78 11.19
CA LEU A 114 70.70 16.07 11.89
C LEU A 114 71.14 15.96 13.34
N GLN A 115 70.89 14.79 13.94
CA GLN A 115 71.29 14.53 15.32
C GLN A 115 72.83 14.52 15.41
N ARG A 116 73.48 13.84 14.47
CA ARG A 116 74.94 13.89 14.46
C ARG A 116 75.41 15.36 14.34
N LEU A 117 74.75 16.17 13.51
CA LEU A 117 75.12 17.58 13.30
C LEU A 117 74.91 18.34 14.61
N ARG A 118 73.79 18.08 15.30
CA ARG A 118 73.58 18.75 16.58
C ARG A 118 74.70 18.43 17.57
N ASP A 119 75.12 17.17 17.62
CA ASP A 119 76.16 16.79 18.58
C ASP A 119 77.53 17.35 18.25
N ALA A 120 77.79 17.65 16.99
CA ALA A 120 79.08 18.19 16.60
C ALA A 120 79.20 19.68 16.84
N LYS A 121 78.06 20.36 16.95
CA LYS A 121 78.10 21.78 17.15
C LYS A 121 78.77 22.13 18.47
N PRO A 122 79.82 22.95 18.44
CA PRO A 122 80.53 23.36 19.65
C PRO A 122 79.85 24.55 20.32
N GLN A 123 80.00 24.64 21.63
CA GLN A 123 79.42 25.75 22.40
C GLN A 123 79.89 27.05 21.78
N GLY A 124 78.97 27.95 21.50
CA GLY A 124 79.33 29.23 20.89
C GLY A 124 79.72 29.11 19.42
N GLY A 125 79.77 27.90 18.88
CA GLY A 125 80.12 27.79 17.47
C GLY A 125 79.02 27.37 16.49
N ILE A 126 79.42 26.65 15.46
CA ILE A 126 78.46 26.28 14.43
C ILE A 126 78.68 24.90 13.92
N GLY A 127 77.59 24.18 13.74
CA GLY A 127 77.66 22.85 13.17
C GLY A 127 77.34 23.02 11.68
N LEU A 128 78.21 22.53 10.81
CA LEU A 128 77.97 22.68 9.38
C LEU A 128 77.90 21.32 8.70
N LEU A 129 76.93 21.14 7.80
CA LEU A 129 76.80 19.86 7.08
C LEU A 129 77.39 20.01 5.69
N THR A 130 78.50 19.32 5.44
CA THR A 130 79.17 19.44 4.17
C THR A 130 79.30 18.09 3.49
N VAL A 131 79.53 18.13 2.17
CA VAL A 131 79.69 16.89 1.48
C VAL A 131 80.73 17.05 0.39
N LYS A 132 81.44 15.97 0.08
CA LYS A 132 82.46 15.98 -0.98
C LYS A 132 81.87 15.44 -2.30
N LEU A 133 81.94 16.24 -3.37
CA LEU A 133 81.44 15.87 -4.68
C LEU A 133 82.53 15.81 -5.74
N ASP A 134 82.34 14.91 -6.71
CA ASP A 134 83.28 14.76 -7.82
C ASP A 134 83.26 16.05 -8.60
N ASP A 135 82.07 16.55 -8.90
CA ASP A 135 81.90 17.80 -9.59
C ASP A 135 81.14 18.75 -8.64
N PRO A 136 81.87 19.67 -7.98
CA PRO A 136 81.29 20.64 -7.03
C PRO A 136 80.77 21.90 -7.68
N THR A 137 80.73 21.87 -9.00
CA THR A 137 80.25 23.04 -9.73
C THR A 137 78.88 23.56 -9.24
N GLY A 138 78.79 24.86 -8.98
CA GLY A 138 77.52 25.44 -8.58
C GLY A 138 77.24 25.57 -7.09
N TYR A 139 78.04 24.92 -6.26
CA TYR A 139 77.81 24.98 -4.83
C TYR A 139 78.85 25.78 -4.03
N GLY A 140 78.50 26.19 -2.81
CA GLY A 140 79.45 26.91 -1.94
C GLY A 140 80.64 26.04 -1.55
N ARG A 141 81.84 26.58 -1.69
CA ARG A 141 83.07 25.86 -1.36
C ARG A 141 83.48 26.06 0.10
N ILE A 142 83.81 24.99 0.78
CA ILE A 142 84.24 25.08 2.17
C ILE A 142 85.76 25.44 2.22
N THR A 143 86.11 26.51 2.94
CA THR A 143 87.51 26.90 3.06
C THR A 143 87.98 26.48 4.43
N ARG A 144 89.21 25.98 4.49
CA ARG A 144 89.82 25.54 5.73
C ARG A 144 91.26 26.13 5.96
N GLU A 145 91.60 26.33 7.23
CA GLU A 145 92.92 26.83 7.64
C GLU A 145 93.38 25.90 8.75
N ASN A 146 94.43 25.14 8.44
CA ASN A 146 95.00 24.15 9.34
C ASN A 146 93.94 23.13 9.73
N GLY A 147 93.16 22.68 8.75
CA GLY A 147 92.12 21.69 9.01
C GLY A 147 90.80 22.22 9.56
N LYS A 148 90.74 23.49 9.95
CA LYS A 148 89.53 24.08 10.51
C LYS A 148 88.76 24.89 9.51
N VAL A 149 87.45 24.73 9.53
CA VAL A 149 86.56 25.44 8.62
C VAL A 149 86.61 26.92 8.97
N THR A 150 86.83 27.75 7.97
CA THR A 150 86.93 29.21 8.19
C THR A 150 85.91 30.02 7.39
N GLY A 151 85.27 29.36 6.44
CA GLY A 151 84.29 30.10 5.67
C GLY A 151 83.73 29.33 4.51
N ILE A 152 82.86 29.98 3.76
CA ILE A 152 82.24 29.37 2.57
C ILE A 152 82.33 30.42 1.50
N VAL A 153 82.72 30.01 0.31
CA VAL A 153 82.78 30.93 -0.83
C VAL A 153 81.83 30.39 -1.90
N GLU A 154 80.85 31.19 -2.31
CA GLU A 154 79.87 30.79 -3.34
C GLU A 154 80.55 30.60 -4.67
N HIS A 155 80.03 29.67 -5.48
CA HIS A 155 80.60 29.35 -6.81
C HIS A 155 80.88 30.59 -7.64
N LYS A 156 79.88 31.45 -7.81
CA LYS A 156 80.04 32.67 -8.58
C LYS A 156 81.18 33.57 -8.08
N ASP A 157 81.34 33.65 -6.77
CA ASP A 157 82.37 34.48 -6.15
C ASP A 157 83.76 33.82 -6.08
N ALA A 158 83.80 32.52 -6.29
CA ALA A 158 85.04 31.77 -6.17
C ALA A 158 85.93 31.84 -7.40
N THR A 159 87.24 31.85 -7.16
CA THR A 159 88.22 31.89 -8.24
C THR A 159 88.33 30.47 -8.80
N ASP A 160 88.99 30.33 -9.94
CA ASP A 160 89.18 29.00 -10.52
C ASP A 160 89.86 28.03 -9.54
N GLU A 161 90.83 28.52 -8.76
CA GLU A 161 91.53 27.67 -7.82
C GLU A 161 90.58 27.22 -6.70
N GLN A 162 89.85 28.16 -6.11
CA GLN A 162 88.90 27.80 -5.07
C GLN A 162 87.84 26.84 -5.63
N ARG A 163 87.51 26.97 -6.91
CA ARG A 163 86.53 26.07 -7.50
C ARG A 163 87.03 24.62 -7.56
N GLN A 164 88.31 24.42 -7.28
CA GLN A 164 88.88 23.08 -7.26
C GLN A 164 88.46 22.37 -5.96
N ILE A 165 88.12 23.14 -4.94
CA ILE A 165 87.70 22.58 -3.64
C ILE A 165 86.48 21.67 -3.89
N GLN A 166 86.55 20.43 -3.42
CA GLN A 166 85.43 19.52 -3.66
C GLN A 166 84.47 19.39 -2.49
N GLU A 167 84.86 19.86 -1.32
CA GLU A 167 83.99 19.77 -0.18
C GLU A 167 83.00 20.97 -0.28
N ILE A 168 81.71 20.72 -0.46
CA ILE A 168 80.80 21.82 -0.61
C ILE A 168 79.76 21.92 0.51
N ASN A 169 79.11 23.07 0.62
CA ASN A 169 78.06 23.33 1.58
C ASN A 169 76.72 22.71 1.14
N THR A 170 76.10 21.91 2.00
CA THR A 170 74.81 21.30 1.67
C THR A 170 73.75 22.34 1.96
N GLY A 171 74.15 23.36 2.72
CA GLY A 171 73.21 24.40 3.10
C GLY A 171 72.71 24.28 4.53
N ILE A 172 72.75 23.09 5.11
CA ILE A 172 72.26 22.85 6.47
C ILE A 172 73.28 23.20 7.54
N LEU A 173 72.86 23.96 8.54
CA LEU A 173 73.75 24.34 9.60
C LEU A 173 72.94 24.64 10.89
N ILE A 174 73.66 24.66 12.01
CA ILE A 174 73.02 24.89 13.28
C ILE A 174 73.93 25.78 14.18
N ALA A 175 73.30 26.68 14.92
CA ALA A 175 74.04 27.61 15.78
C ALA A 175 73.08 28.26 16.78
N ASN A 176 73.63 28.74 17.89
CA ASN A 176 72.82 29.42 18.89
C ASN A 176 72.06 30.63 18.34
N GLY A 177 70.82 30.76 18.78
CA GLY A 177 69.96 31.86 18.32
C GLY A 177 70.49 33.28 18.48
N ALA A 178 71.07 33.56 19.66
CA ALA A 178 71.64 34.87 19.95
C ALA A 178 72.82 35.11 19.01
N ASP A 179 73.69 34.11 18.85
CA ASP A 179 74.85 34.29 17.96
C ASP A 179 74.37 34.51 16.52
N MET A 180 73.37 33.74 16.14
CA MET A 180 72.78 33.84 14.81
C MET A 180 72.32 35.28 14.54
N LYS A 181 71.62 35.88 15.50
CA LYS A 181 71.12 37.24 15.31
C LYS A 181 72.27 38.26 15.20
N ARG A 182 73.32 38.03 15.98
CA ARG A 182 74.48 38.90 15.95
C ARG A 182 75.11 38.90 14.53
N TRP A 183 75.36 37.70 13.99
CA TRP A 183 75.94 37.64 12.64
C TRP A 183 75.03 38.16 11.53
N LEU A 184 73.75 37.80 11.57
CA LEU A 184 72.79 38.21 10.52
C LEU A 184 72.72 39.72 10.37
N ALA A 185 72.81 40.44 11.48
CA ALA A 185 72.72 41.89 11.37
C ALA A 185 73.89 42.52 10.56
N LYS A 186 74.98 41.78 10.43
CA LYS A 186 76.16 42.26 9.73
C LYS A 186 76.22 41.89 8.25
N LEU A 187 75.21 41.20 7.73
CA LEU A 187 75.25 40.79 6.33
C LEU A 187 75.19 41.95 5.35
N THR A 188 76.02 41.87 4.32
CA THR A 188 76.02 42.89 3.28
C THR A 188 75.84 42.17 1.94
N ASN A 189 75.37 42.86 0.92
CA ASN A 189 75.16 42.22 -0.37
C ASN A 189 76.21 42.61 -1.42
N ASN A 190 77.45 42.83 -0.99
CA ASN A 190 78.51 43.19 -1.95
C ASN A 190 79.22 41.94 -2.44
N ASN A 191 78.61 41.23 -3.36
CA ASN A 191 79.17 39.99 -3.86
C ASN A 191 78.68 39.79 -5.25
N ALA A 192 79.09 38.69 -5.86
CA ALA A 192 78.74 38.40 -7.24
C ALA A 192 77.28 38.43 -7.62
N GLN A 193 76.40 38.02 -6.72
CA GLN A 193 74.99 37.99 -7.05
C GLN A 193 74.19 39.12 -6.47
N GLY A 194 74.84 39.95 -5.66
CA GLY A 194 74.17 41.07 -5.03
C GLY A 194 73.05 40.66 -4.10
N GLU A 195 73.24 39.53 -3.43
CA GLU A 195 72.25 39.00 -2.50
C GLU A 195 72.86 38.87 -1.11
N TYR A 196 72.04 38.55 -0.12
CA TYR A 196 72.53 38.38 1.26
C TYR A 196 72.73 36.89 1.51
N TYR A 197 74.00 36.50 1.63
CA TYR A 197 74.42 35.09 1.81
C TYR A 197 74.38 34.64 3.26
N ILE A 198 73.56 33.61 3.57
CA ILE A 198 73.54 33.09 4.94
C ILE A 198 74.93 32.49 5.20
N THR A 199 75.59 32.05 4.12
CA THR A 199 76.93 31.44 4.18
C THR A 199 78.06 32.34 4.75
N ASP A 200 77.86 33.66 4.71
CA ASP A 200 78.85 34.61 5.24
C ASP A 200 78.96 34.51 6.76
N ILE A 201 78.00 33.88 7.46
CA ILE A 201 78.12 33.82 8.90
C ILE A 201 79.21 32.88 9.38
N ILE A 202 79.62 32.00 8.48
CA ILE A 202 80.68 31.08 8.83
C ILE A 202 81.95 31.89 9.05
N ALA A 203 82.33 32.70 8.06
CA ALA A 203 83.54 33.53 8.22
C ALA A 203 83.36 34.52 9.40
N LEU A 204 82.14 35.04 9.60
CA LEU A 204 81.87 36.00 10.70
C LEU A 204 82.08 35.36 12.08
N ALA A 205 81.73 34.09 12.18
CA ALA A 205 81.92 33.39 13.45
C ALA A 205 83.41 33.08 13.70
N TYR A 206 84.08 32.65 12.64
CA TYR A 206 85.48 32.28 12.74
C TYR A 206 86.31 33.49 13.17
N GLN A 207 85.98 34.65 12.62
CA GLN A 207 86.69 35.89 12.93
C GLN A 207 86.52 36.21 14.39
N GLU A 208 85.37 35.87 14.98
CA GLU A 208 85.08 36.13 16.40
C GLU A 208 85.82 35.15 17.29
N GLY A 209 86.42 34.14 16.69
CA GLY A 209 87.11 33.13 17.46
C GLY A 209 86.21 31.92 17.73
N ARG A 210 85.03 31.89 17.10
CA ARG A 210 84.12 30.77 17.33
C ARG A 210 84.57 29.60 16.46
N GLU A 211 84.21 28.39 16.87
CA GLU A 211 84.60 27.19 16.12
C GLU A 211 83.48 26.61 15.21
N ILE A 212 83.81 26.32 13.95
CA ILE A 212 82.85 25.74 13.00
C ILE A 212 83.32 24.32 12.72
N VAL A 213 82.48 23.33 13.01
CA VAL A 213 82.81 21.93 12.81
C VAL A 213 81.93 21.37 11.73
N ALA A 214 82.51 20.55 10.86
CA ALA A 214 81.71 20.02 9.81
C ALA A 214 81.47 18.53 9.99
N VAL A 215 80.28 18.07 9.59
CA VAL A 215 79.91 16.64 9.59
C VAL A 215 79.34 16.38 8.19
N HIS A 216 79.32 15.12 7.76
CA HIS A 216 78.85 14.73 6.43
C HIS A 216 77.61 13.84 6.49
N PRO A 217 76.78 13.91 5.45
CA PRO A 217 75.57 13.09 5.40
C PRO A 217 75.99 11.61 5.24
N GLN A 218 75.11 10.72 5.65
CA GLN A 218 75.28 9.28 5.45
C GLN A 218 75.15 8.99 3.91
N ARG A 219 74.19 9.63 3.24
CA ARG A 219 73.97 9.40 1.80
C ARG A 219 73.82 10.72 1.05
N LEU A 220 74.27 10.78 -0.20
CA LEU A 220 74.13 12.01 -0.98
C LEU A 220 72.65 12.36 -1.16
N SER A 221 71.83 11.34 -1.36
CA SER A 221 70.41 11.57 -1.60
C SER A 221 69.75 12.37 -0.48
N GLU A 222 70.33 12.28 0.71
CA GLU A 222 69.85 13.00 1.89
C GLU A 222 69.86 14.54 1.77
N VAL A 223 70.80 15.07 0.98
CA VAL A 223 70.90 16.52 0.83
C VAL A 223 70.64 16.99 -0.58
N GLU A 224 70.01 16.15 -1.41
CA GLU A 224 69.67 16.53 -2.78
C GLU A 224 68.44 17.44 -2.77
N GLY A 225 68.53 18.53 -3.53
CA GLY A 225 67.43 19.48 -3.61
C GLY A 225 66.64 19.22 -4.89
N VAL A 226 65.36 19.60 -4.89
CA VAL A 226 64.50 19.39 -6.05
C VAL A 226 64.09 20.72 -6.70
N ASN A 227 64.40 20.91 -7.97
CA ASN A 227 64.01 22.11 -8.75
C ASN A 227 63.09 21.72 -9.95
N ASN A 228 63.05 20.42 -10.29
CA ASN A 228 62.21 20.02 -11.43
C ASN A 228 61.66 18.62 -11.17
N ARG A 229 60.70 18.20 -11.97
CA ARG A 229 60.04 16.91 -11.75
C ARG A 229 60.92 15.68 -11.88
N LEU A 230 61.93 15.77 -12.74
CA LEU A 230 62.86 14.64 -12.93
C LEU A 230 63.62 14.41 -11.64
N GLN A 231 64.11 15.47 -11.02
CA GLN A 231 64.85 15.31 -9.78
C GLN A 231 63.90 14.76 -8.69
N LEU A 232 62.67 15.25 -8.68
CA LEU A 232 61.69 14.73 -7.75
C LEU A 232 61.51 13.18 -7.95
N SER A 233 61.29 12.75 -9.19
CA SER A 233 61.08 11.32 -9.46
C SER A 233 62.23 10.50 -9.00
N ARG A 234 63.47 10.98 -9.11
CA ARG A 234 64.61 10.23 -8.62
C ARG A 234 64.61 10.06 -7.09
N LEU A 235 64.22 11.10 -6.36
CA LEU A 235 64.20 11.00 -4.90
C LEU A 235 63.02 10.10 -4.52
N GLU A 236 61.94 10.11 -5.32
CA GLU A 236 60.79 9.22 -5.04
C GLU A 236 61.29 7.74 -5.07
N ARG A 237 62.11 7.41 -6.08
CA ARG A 237 62.65 6.04 -6.22
C ARG A 237 63.60 5.70 -5.08
N VAL A 238 64.44 6.65 -4.71
CA VAL A 238 65.36 6.41 -3.62
C VAL A 238 64.53 6.09 -2.36
N TYR A 239 63.53 6.93 -2.09
CA TYR A 239 62.68 6.75 -0.92
C TYR A 239 61.98 5.39 -0.94
N GLN A 240 61.35 5.04 -2.07
CA GLN A 240 60.65 3.76 -2.21
C GLN A 240 61.63 2.58 -2.05
N SER A 241 62.79 2.67 -2.66
CA SER A 241 63.80 1.62 -2.52
C SER A 241 64.25 1.41 -1.06
N GLU A 242 64.53 2.50 -0.35
CA GLU A 242 64.93 2.36 1.04
C GLU A 242 63.78 1.84 1.88
N GLN A 243 62.56 2.34 1.69
CA GLN A 243 61.47 1.80 2.47
C GLN A 243 61.29 0.27 2.16
N ALA A 244 61.35 -0.08 0.87
CA ALA A 244 61.19 -1.48 0.50
C ALA A 244 62.25 -2.37 1.17
N GLU A 245 63.50 -1.93 1.16
CA GLU A 245 64.55 -2.73 1.79
C GLU A 245 64.33 -2.86 3.29
N LYS A 246 63.91 -1.79 3.95
CA LYS A 246 63.60 -1.93 5.38
C LYS A 246 62.50 -3.01 5.61
N LEU A 247 61.43 -2.96 4.81
CA LEU A 247 60.34 -3.90 4.94
C LEU A 247 60.86 -5.34 4.73
N LEU A 248 61.68 -5.54 3.70
CA LEU A 248 62.27 -6.86 3.46
C LEU A 248 63.08 -7.29 4.69
N LEU A 249 63.89 -6.38 5.23
CA LEU A 249 64.74 -6.74 6.39
C LEU A 249 63.89 -7.02 7.64
N ALA A 250 62.72 -6.38 7.74
CA ALA A 250 61.78 -6.59 8.84
C ALA A 250 60.93 -7.89 8.66
N GLY A 251 61.10 -8.58 7.55
CA GLY A 251 60.36 -9.82 7.39
C GLY A 251 59.16 -9.85 6.46
N VAL A 252 59.01 -8.76 5.70
CA VAL A 252 57.93 -8.66 4.72
C VAL A 252 58.46 -9.08 3.35
N MET A 253 57.83 -10.08 2.73
CA MET A 253 58.33 -10.50 1.43
C MET A 253 57.77 -9.68 0.28
N LEU A 254 58.61 -8.97 -0.44
CA LEU A 254 58.17 -8.19 -1.58
C LEU A 254 58.73 -8.98 -2.74
N ARG A 255 57.90 -9.42 -3.68
CA ARG A 255 58.36 -10.22 -4.84
C ARG A 255 59.22 -9.41 -5.77
N ASP A 256 59.03 -8.10 -5.79
CA ASP A 256 59.94 -7.27 -6.56
C ASP A 256 59.97 -5.89 -5.85
N PRO A 257 60.96 -5.64 -4.98
CA PRO A 257 61.09 -4.37 -4.23
C PRO A 257 61.12 -3.14 -5.18
N ALA A 258 61.51 -3.28 -6.45
CA ALA A 258 61.49 -2.11 -7.38
C ALA A 258 60.07 -1.88 -7.90
N ARG A 259 59.18 -2.81 -7.60
CA ARG A 259 57.79 -2.65 -8.05
C ARG A 259 56.86 -2.74 -6.86
N PHE A 260 57.10 -1.81 -5.93
CA PHE A 260 56.34 -1.69 -4.70
C PHE A 260 56.34 -0.21 -4.27
N ASP A 261 55.19 0.34 -3.90
CA ASP A 261 55.15 1.73 -3.49
C ASP A 261 54.39 1.87 -2.19
N LEU A 262 54.99 2.52 -1.21
CA LEU A 262 54.30 2.72 0.06
C LEU A 262 54.17 4.23 0.23
N ARG A 263 52.94 4.70 0.34
CA ARG A 263 52.65 6.13 0.46
C ARG A 263 51.82 6.38 1.73
N GLY A 264 52.47 6.14 2.87
CA GLY A 264 51.84 6.30 4.16
C GLY A 264 52.50 5.39 5.16
N THR A 265 51.70 4.70 5.97
CA THR A 265 52.25 3.84 6.99
C THR A 265 51.79 2.41 6.86
N LEU A 266 52.71 1.47 6.99
CA LEU A 266 52.33 0.08 6.88
C LEU A 266 52.62 -0.71 8.16
N THR A 267 51.62 -1.27 8.80
CA THR A 267 51.79 -2.04 10.03
C THR A 267 51.65 -3.48 9.54
N HIS A 268 52.41 -4.42 10.11
CA HIS A 268 52.33 -5.77 9.61
C HIS A 268 52.71 -6.87 10.59
N GLY A 269 52.19 -8.07 10.34
CA GLY A 269 52.52 -9.22 11.15
C GLY A 269 53.66 -9.93 10.42
N ARG A 270 53.80 -11.23 10.69
CA ARG A 270 54.84 -12.07 10.11
C ARG A 270 54.40 -12.80 8.84
N ASP A 271 55.38 -13.16 8.04
CA ASP A 271 55.16 -13.88 6.80
C ASP A 271 54.14 -13.25 5.82
N VAL A 272 54.09 -11.93 5.77
CA VAL A 272 53.22 -11.26 4.81
C VAL A 272 53.93 -11.39 3.45
N GLU A 273 53.20 -11.66 2.36
CA GLU A 273 53.78 -11.74 1.00
C GLU A 273 53.04 -10.74 0.08
N ILE A 274 53.82 -9.92 -0.61
CA ILE A 274 53.28 -8.89 -1.45
C ILE A 274 53.87 -9.01 -2.85
N ASP A 275 52.99 -9.29 -3.80
CA ASP A 275 53.48 -9.49 -5.14
C ASP A 275 53.83 -8.16 -5.82
N THR A 276 54.14 -8.25 -7.10
CA THR A 276 54.54 -7.07 -7.87
C THR A 276 53.48 -5.99 -8.03
N ASN A 277 53.95 -4.75 -8.18
CA ASN A 277 53.08 -3.61 -8.47
C ASN A 277 51.96 -3.32 -7.47
N VAL A 278 52.21 -3.60 -6.22
CA VAL A 278 51.20 -3.30 -5.24
C VAL A 278 51.47 -1.87 -4.75
N ILE A 279 50.42 -1.13 -4.44
CA ILE A 279 50.57 0.22 -3.92
C ILE A 279 49.83 0.32 -2.57
N ILE A 280 50.53 0.76 -1.52
CA ILE A 280 49.91 0.90 -0.22
C ILE A 280 49.74 2.41 0.09
N GLU A 281 48.53 2.88 0.37
CA GLU A 281 48.34 4.30 0.70
C GLU A 281 47.68 4.59 2.05
N GLY A 282 47.99 5.73 2.63
CA GLY A 282 47.42 6.08 3.93
C GLY A 282 47.93 5.10 4.97
N ASN A 283 47.11 4.76 5.96
CA ASN A 283 47.53 3.86 7.06
C ASN A 283 46.91 2.49 6.81
N VAL A 284 47.78 1.48 6.68
CA VAL A 284 47.32 0.14 6.41
C VAL A 284 47.92 -0.83 7.45
N THR A 285 47.07 -1.69 7.99
CA THR A 285 47.48 -2.69 8.96
C THR A 285 47.26 -4.07 8.33
N LEU A 286 48.29 -4.90 8.30
CA LEU A 286 48.16 -6.27 7.74
C LEU A 286 48.47 -7.27 8.84
N GLY A 287 47.61 -8.30 8.98
CA GLY A 287 47.83 -9.32 9.99
C GLY A 287 48.94 -10.29 9.60
N HIS A 288 49.01 -11.44 10.26
CA HIS A 288 50.02 -12.41 9.89
C HIS A 288 49.62 -13.16 8.59
N ARG A 289 50.61 -13.56 7.81
CA ARG A 289 50.33 -14.37 6.64
C ARG A 289 49.37 -13.77 5.60
N VAL A 290 49.26 -12.46 5.55
CA VAL A 290 48.43 -11.88 4.54
C VAL A 290 49.18 -12.05 3.18
N LYS A 291 48.45 -12.40 2.13
CA LYS A 291 49.08 -12.52 0.81
C LYS A 291 48.37 -11.53 -0.09
N ILE A 292 49.14 -10.67 -0.76
CA ILE A 292 48.59 -9.67 -1.66
C ILE A 292 49.09 -9.93 -3.09
N GLY A 293 48.17 -10.25 -4.01
CA GLY A 293 48.56 -10.53 -5.39
C GLY A 293 48.92 -9.27 -6.17
N THR A 294 49.40 -9.50 -7.37
CA THR A 294 49.88 -8.42 -8.18
C THR A 294 48.90 -7.30 -8.47
N GLY A 295 49.44 -6.08 -8.54
CA GLY A 295 48.69 -4.88 -8.88
C GLY A 295 47.68 -4.37 -7.88
N CYS A 296 47.65 -4.91 -6.67
CA CYS A 296 46.63 -4.40 -5.76
C CYS A 296 46.89 -3.01 -5.24
N VAL A 297 45.83 -2.28 -4.98
CA VAL A 297 45.98 -0.93 -4.38
C VAL A 297 45.20 -0.99 -3.06
N ILE A 298 45.86 -0.74 -1.93
CA ILE A 298 45.22 -0.80 -0.60
C ILE A 298 45.42 0.53 0.14
N LYS A 299 44.31 1.13 0.51
CA LYS A 299 44.36 2.43 1.17
C LYS A 299 43.58 2.52 2.43
N ASN A 300 44.19 3.07 3.46
CA ASN A 300 43.51 3.23 4.75
C ASN A 300 42.61 2.04 5.10
N SER A 301 43.21 0.86 5.23
CA SER A 301 42.38 -0.30 5.50
C SER A 301 43.03 -1.23 6.48
N VAL A 302 42.22 -2.11 7.03
CA VAL A 302 42.69 -3.10 7.99
C VAL A 302 42.47 -4.51 7.38
N ILE A 303 43.50 -5.35 7.33
CA ILE A 303 43.41 -6.71 6.80
C ILE A 303 43.88 -7.75 7.86
N GLY A 304 42.98 -8.64 8.27
CA GLY A 304 43.26 -9.62 9.33
C GLY A 304 44.14 -10.76 8.87
N ASP A 305 44.55 -11.60 9.84
CA ASP A 305 45.42 -12.75 9.59
C ASP A 305 44.90 -13.66 8.50
N ASP A 306 45.82 -14.16 7.68
CA ASP A 306 45.51 -15.14 6.65
C ASP A 306 44.62 -14.70 5.51
N CYS A 307 44.40 -13.39 5.38
CA CYS A 307 43.61 -12.97 4.24
C CYS A 307 44.41 -13.13 2.96
N GLU A 308 43.70 -13.38 1.88
CA GLU A 308 44.38 -13.48 0.60
C GLU A 308 43.66 -12.49 -0.30
N ILE A 309 44.40 -11.51 -0.79
CA ILE A 309 43.84 -10.48 -1.68
C ILE A 309 44.38 -10.87 -3.07
N SER A 310 43.50 -11.34 -3.95
CA SER A 310 43.87 -11.73 -5.27
C SER A 310 44.21 -10.54 -6.18
N PRO A 311 44.79 -10.83 -7.35
CA PRO A 311 45.16 -9.74 -8.26
C PRO A 311 44.19 -8.58 -8.64
N TYR A 312 44.77 -7.40 -8.83
CA TYR A 312 43.99 -6.28 -9.31
C TYR A 312 42.76 -6.06 -8.52
N THR A 313 42.92 -5.93 -7.21
CA THR A 313 41.81 -5.65 -6.32
C THR A 313 42.12 -4.24 -5.73
N VAL A 314 41.10 -3.40 -5.58
CA VAL A 314 41.31 -2.04 -5.07
C VAL A 314 40.52 -1.93 -3.81
N VAL A 315 41.18 -1.45 -2.77
CA VAL A 315 40.55 -1.38 -1.47
C VAL A 315 40.78 -0.04 -0.79
N GLU A 316 39.74 0.56 -0.23
CA GLU A 316 39.87 1.81 0.48
C GLU A 316 38.96 1.91 1.71
N ASP A 317 39.54 2.15 2.90
CA ASP A 317 38.74 2.30 4.13
C ASP A 317 37.86 1.09 4.35
N ALA A 318 38.48 -0.07 4.23
CA ALA A 318 37.75 -1.31 4.39
C ALA A 318 38.33 -2.01 5.62
N ASN A 319 37.58 -2.97 6.15
CA ASN A 319 38.03 -3.75 7.29
C ASN A 319 37.74 -5.22 6.97
N LEU A 320 38.78 -6.06 6.88
CA LEU A 320 38.63 -7.49 6.63
C LEU A 320 39.09 -8.26 7.86
N ALA A 321 38.23 -9.15 8.35
CA ALA A 321 38.55 -10.00 9.51
C ALA A 321 39.50 -11.09 8.99
N ALA A 322 39.85 -12.03 9.85
CA ALA A 322 40.75 -13.11 9.44
C ALA A 322 40.19 -14.03 8.33
N ALA A 323 41.10 -14.61 7.56
CA ALA A 323 40.76 -15.63 6.57
C ALA A 323 39.80 -15.24 5.47
N CYS A 324 39.71 -13.94 5.17
CA CYS A 324 38.84 -13.54 4.10
C CYS A 324 39.58 -13.70 2.80
N THR A 325 38.85 -13.88 1.70
CA THR A 325 39.49 -13.96 0.38
C THR A 325 38.72 -13.01 -0.53
N ILE A 326 39.42 -12.09 -1.21
CA ILE A 326 38.73 -11.19 -2.11
C ILE A 326 39.49 -11.09 -3.44
N GLY A 327 38.74 -10.79 -4.48
CA GLY A 327 39.30 -10.67 -5.81
C GLY A 327 39.37 -12.00 -6.55
N PRO A 328 40.00 -12.02 -7.71
CA PRO A 328 40.61 -10.84 -8.32
C PRO A 328 39.53 -9.86 -8.86
N PHE A 329 39.95 -8.64 -9.20
CA PHE A 329 38.99 -7.66 -9.74
C PHE A 329 37.85 -7.31 -8.77
N ALA A 330 38.12 -7.26 -7.46
CA ALA A 330 37.10 -6.85 -6.52
C ALA A 330 37.35 -5.35 -6.22
N ARG A 331 36.30 -4.63 -5.84
CA ARG A 331 36.46 -3.21 -5.56
C ARG A 331 35.75 -2.87 -4.26
N LEU A 332 36.51 -2.69 -3.18
CA LEU A 332 35.96 -2.31 -1.87
C LEU A 332 36.16 -0.83 -1.61
N ARG A 333 35.05 -0.17 -1.34
CA ARG A 333 34.99 1.25 -1.09
C ARG A 333 34.78 1.50 0.42
N PRO A 334 34.82 2.79 0.86
CA PRO A 334 34.66 3.08 2.29
C PRO A 334 33.47 2.44 2.99
N GLY A 335 33.71 1.79 4.15
CA GLY A 335 32.59 1.19 4.86
C GLY A 335 32.49 -0.28 4.56
N ALA A 336 33.24 -0.77 3.56
CA ALA A 336 33.17 -2.19 3.30
C ALA A 336 33.73 -2.99 4.47
N GLU A 337 32.96 -3.94 4.99
CA GLU A 337 33.42 -4.82 6.10
C GLU A 337 33.13 -6.28 5.82
N LEU A 338 34.14 -7.11 6.01
CA LEU A 338 33.97 -8.56 5.81
C LEU A 338 34.27 -9.21 7.13
N LEU A 339 33.42 -10.11 7.57
CA LEU A 339 33.70 -10.82 8.81
C LEU A 339 34.46 -12.09 8.45
N GLU A 340 34.82 -12.85 9.46
CA GLU A 340 35.69 -13.98 9.28
C GLU A 340 35.34 -14.99 8.18
N GLY A 341 36.34 -15.29 7.36
CA GLY A 341 36.11 -16.25 6.31
C GLY A 341 35.21 -15.78 5.18
N ALA A 342 34.75 -14.52 5.16
CA ALA A 342 33.89 -14.05 4.05
C ALA A 342 34.66 -14.03 2.72
N HIS A 343 33.93 -14.08 1.62
CA HIS A 343 34.52 -14.11 0.28
C HIS A 343 33.83 -13.17 -0.73
N VAL A 344 34.64 -12.37 -1.42
CA VAL A 344 34.18 -11.49 -2.48
C VAL A 344 34.93 -11.90 -3.76
N GLY A 345 34.20 -12.21 -4.83
CA GLY A 345 34.85 -12.66 -6.05
C GLY A 345 35.12 -11.57 -7.07
N ASN A 346 35.16 -11.94 -8.34
CA ASN A 346 35.44 -10.94 -9.35
C ASN A 346 34.29 -10.06 -9.79
N PHE A 347 34.62 -8.81 -10.07
CA PHE A 347 33.65 -7.83 -10.58
C PHE A 347 32.55 -7.64 -9.53
N VAL A 348 33.00 -7.51 -8.30
CA VAL A 348 32.13 -7.28 -7.19
C VAL A 348 32.54 -5.98 -6.49
N GLU A 349 31.56 -5.15 -6.15
CA GLU A 349 31.80 -3.87 -5.50
C GLU A 349 31.03 -3.79 -4.18
N MET A 350 31.69 -3.29 -3.14
CA MET A 350 31.03 -3.13 -1.85
C MET A 350 31.31 -1.74 -1.34
N LYS A 351 30.27 -1.14 -0.78
CA LYS A 351 30.30 0.22 -0.22
C LYS A 351 29.33 0.28 0.99
N LYS A 352 29.83 0.70 2.14
CA LYS A 352 29.07 0.81 3.38
C LYS A 352 28.23 -0.47 3.47
N ALA A 353 28.91 -1.58 3.43
CA ALA A 353 28.21 -2.84 3.42
C ALA A 353 29.01 -3.86 4.21
N ARG A 354 28.31 -4.64 5.04
CA ARG A 354 28.99 -5.66 5.82
C ARG A 354 28.62 -7.07 5.34
N LEU A 355 29.62 -7.92 5.10
CA LEU A 355 29.34 -9.28 4.68
C LEU A 355 29.73 -10.19 5.87
N GLY A 356 28.80 -11.02 6.38
CA GLY A 356 29.08 -11.85 7.56
C GLY A 356 30.00 -13.05 7.42
N LYS A 357 30.17 -13.77 8.51
CA LYS A 357 31.09 -14.91 8.51
C LYS A 357 30.78 -16.00 7.51
N GLY A 358 31.81 -16.38 6.77
CA GLY A 358 31.66 -17.44 5.78
C GLY A 358 30.71 -17.04 4.67
N SER A 359 30.28 -15.77 4.59
CA SER A 359 29.38 -15.36 3.52
C SER A 359 30.08 -15.07 2.20
N LYS A 360 29.37 -15.27 1.09
CA LYS A 360 29.98 -15.12 -0.20
C LYS A 360 29.28 -14.25 -1.22
N ALA A 361 30.04 -13.37 -1.87
CA ALA A 361 29.50 -12.55 -2.97
C ALA A 361 30.56 -12.86 -4.05
N GLY A 362 30.32 -13.92 -4.80
CA GLY A 362 31.28 -14.35 -5.79
C GLY A 362 31.41 -13.68 -7.12
N HIS A 363 30.40 -12.93 -7.57
CA HIS A 363 30.48 -12.36 -8.92
C HIS A 363 29.47 -11.29 -9.34
N LEU A 364 29.97 -10.37 -10.16
CA LEU A 364 29.12 -9.40 -10.84
C LEU A 364 28.06 -8.83 -9.92
N THR A 365 28.49 -8.28 -8.79
CA THR A 365 27.55 -7.84 -7.80
C THR A 365 27.87 -6.51 -7.21
N TYR A 366 26.82 -5.82 -6.82
CA TYR A 366 26.99 -4.54 -6.17
C TYR A 366 26.26 -4.57 -4.81
N LEU A 367 27.00 -4.39 -3.71
CA LEU A 367 26.39 -4.35 -2.37
C LEU A 367 26.70 -2.97 -1.76
N GLY A 368 25.68 -2.14 -1.60
CA GLY A 368 25.89 -0.80 -1.03
C GLY A 368 24.88 -0.59 0.10
N ASP A 369 25.27 -0.04 1.25
CA ASP A 369 24.33 0.21 2.36
C ASP A 369 23.54 -1.02 2.73
N ALA A 370 24.28 -2.03 3.12
CA ALA A 370 23.70 -3.30 3.45
C ALA A 370 24.33 -3.99 4.64
N GLU A 371 23.54 -4.83 5.30
CA GLU A 371 24.04 -5.66 6.40
C GLU A 371 23.62 -7.06 6.04
N ILE A 372 24.61 -7.90 5.80
CA ILE A 372 24.38 -9.27 5.41
C ILE A 372 24.97 -10.18 6.48
N GLY A 373 24.13 -11.11 6.96
CA GLY A 373 24.47 -12.07 7.98
C GLY A 373 25.49 -13.14 7.59
N ASP A 374 25.61 -14.15 8.46
CA ASP A 374 26.55 -15.24 8.31
C ASP A 374 26.01 -16.39 7.46
N ASN A 375 26.93 -17.09 6.81
CA ASN A 375 26.61 -18.22 5.99
C ASN A 375 25.60 -17.85 4.85
N VAL A 376 25.73 -16.63 4.34
CA VAL A 376 24.87 -16.18 3.26
C VAL A 376 25.51 -16.35 1.90
N ASN A 377 24.70 -16.71 0.93
CA ASN A 377 25.26 -16.86 -0.39
C ASN A 377 24.60 -15.83 -1.29
N ILE A 378 25.38 -14.92 -1.88
CA ILE A 378 24.84 -13.89 -2.76
C ILE A 378 25.10 -14.31 -4.22
N GLY A 379 24.03 -14.65 -4.95
CA GLY A 379 24.25 -15.09 -6.30
C GLY A 379 24.81 -14.05 -7.23
N ALA A 380 25.48 -14.51 -8.28
CA ALA A 380 26.05 -13.63 -9.30
C ALA A 380 25.00 -12.64 -9.79
N GLY A 381 25.41 -11.41 -10.04
CA GLY A 381 24.46 -10.45 -10.57
C GLY A 381 23.47 -9.79 -9.61
N THR A 382 23.56 -10.12 -8.32
CA THR A 382 22.71 -9.49 -7.36
C THR A 382 23.10 -8.02 -7.16
N ILE A 383 22.10 -7.18 -6.98
CA ILE A 383 22.30 -5.77 -6.81
C ILE A 383 21.41 -5.18 -5.72
N THR A 384 22.01 -4.46 -4.77
CA THR A 384 21.21 -3.77 -3.77
C THR A 384 20.85 -2.36 -4.37
N CYS A 385 19.56 -2.04 -4.58
CA CYS A 385 19.13 -0.71 -5.10
C CYS A 385 18.96 0.18 -3.88
N ASN A 386 20.03 0.83 -3.49
CA ASN A 386 20.08 1.66 -2.30
C ASN A 386 19.76 3.12 -2.48
N TYR A 387 19.52 3.54 -3.72
CA TYR A 387 19.30 4.95 -4.04
C TYR A 387 18.02 5.16 -4.81
N ASP A 388 17.21 6.15 -4.39
CA ASP A 388 15.96 6.45 -5.10
C ASP A 388 16.05 7.76 -5.88
N GLY A 389 17.26 8.31 -6.01
CA GLY A 389 17.42 9.55 -6.71
C GLY A 389 17.67 10.72 -5.76
N ALA A 390 17.46 10.54 -4.47
CA ALA A 390 17.73 11.62 -3.52
C ALA A 390 18.16 11.07 -2.16
N ASN A 391 17.64 9.89 -1.82
CA ASN A 391 17.96 9.29 -0.53
C ASN A 391 18.57 7.92 -0.70
N LYS A 392 19.28 7.48 0.34
CA LYS A 392 19.90 6.18 0.32
C LYS A 392 19.19 5.32 1.36
N PHE A 393 19.02 4.02 1.06
CA PHE A 393 18.32 3.12 2.00
C PHE A 393 19.08 1.83 2.25
N LYS A 394 18.85 1.25 3.42
CA LYS A 394 19.52 0.05 3.84
C LYS A 394 18.87 -1.30 3.48
N THR A 395 19.72 -2.25 3.12
CA THR A 395 19.26 -3.57 2.82
C THR A 395 19.76 -4.47 3.94
N ILE A 396 18.86 -5.26 4.52
CA ILE A 396 19.22 -6.18 5.59
C ILE A 396 18.94 -7.63 5.19
N ILE A 397 19.94 -8.49 5.29
CA ILE A 397 19.78 -9.89 4.96
C ILE A 397 20.26 -10.73 6.14
N GLY A 398 19.36 -11.54 6.70
CA GLY A 398 19.68 -12.38 7.85
C GLY A 398 20.60 -13.56 7.55
N ASP A 399 20.94 -14.34 8.57
CA ASP A 399 21.82 -15.48 8.38
C ASP A 399 21.14 -16.55 7.53
N ASP A 400 21.97 -17.40 6.94
CA ASP A 400 21.55 -18.55 6.19
C ASP A 400 20.66 -18.27 4.99
N VAL A 401 20.78 -17.07 4.46
CA VAL A 401 19.99 -16.74 3.31
C VAL A 401 20.69 -17.10 1.97
N PHE A 402 19.92 -17.62 1.03
CA PHE A 402 20.44 -17.95 -0.29
C PHE A 402 19.78 -16.96 -1.30
N VAL A 403 20.57 -16.07 -1.88
CA VAL A 403 20.01 -15.10 -2.83
C VAL A 403 20.30 -15.55 -4.26
N GLY A 404 19.25 -15.96 -4.98
CA GLY A 404 19.43 -16.38 -6.37
C GLY A 404 20.03 -15.31 -7.28
N SER A 405 20.69 -15.76 -8.33
CA SER A 405 21.34 -14.87 -9.27
C SER A 405 20.45 -13.77 -9.82
N ASP A 406 21.09 -12.66 -10.13
CA ASP A 406 20.38 -11.54 -10.74
C ASP A 406 19.17 -11.03 -9.99
N THR A 407 19.26 -11.04 -8.67
CA THR A 407 18.20 -10.56 -7.83
C THR A 407 18.45 -9.07 -7.55
N GLN A 408 17.40 -8.26 -7.63
CA GLN A 408 17.51 -6.86 -7.25
C GLN A 408 16.78 -6.67 -5.86
N LEU A 409 17.47 -6.10 -4.89
CA LEU A 409 16.84 -5.88 -3.59
C LEU A 409 16.56 -4.39 -3.53
N VAL A 410 15.30 -3.98 -3.57
CA VAL A 410 15.00 -2.56 -3.53
C VAL A 410 14.88 -2.08 -2.06
N ALA A 411 15.91 -1.42 -1.55
CA ALA A 411 15.89 -0.92 -0.17
C ALA A 411 14.87 0.23 0.01
N PRO A 412 14.36 0.39 1.24
CA PRO A 412 14.68 -0.42 2.43
C PRO A 412 13.98 -1.78 2.46
N VAL A 413 14.69 -2.84 2.82
CA VAL A 413 14.01 -4.11 2.83
C VAL A 413 14.81 -5.04 3.70
N THR A 414 14.13 -6.03 4.27
CA THR A 414 14.76 -7.00 5.16
C THR A 414 14.44 -8.40 4.74
N VAL A 415 15.45 -9.25 4.63
CA VAL A 415 15.20 -10.64 4.25
C VAL A 415 15.49 -11.48 5.49
N GLY A 416 14.47 -12.16 6.01
CA GLY A 416 14.64 -12.95 7.21
C GLY A 416 15.58 -14.13 7.07
N LYS A 417 16.09 -14.52 8.23
CA LYS A 417 17.01 -15.61 8.33
C LYS A 417 16.47 -16.90 7.67
N GLY A 418 17.35 -17.66 7.01
CA GLY A 418 16.98 -18.91 6.37
C GLY A 418 16.19 -18.81 5.09
N ALA A 419 15.80 -17.59 4.75
CA ALA A 419 15.09 -17.42 3.47
C ALA A 419 15.88 -17.79 2.22
N THR A 420 15.11 -17.99 1.20
CA THR A 420 15.63 -18.24 -0.13
C THR A 420 14.96 -17.25 -1.13
N ILE A 421 15.76 -16.63 -1.99
CA ILE A 421 15.23 -15.74 -3.01
C ILE A 421 15.48 -16.34 -4.40
N ALA A 422 14.42 -16.53 -5.17
CA ALA A 422 14.57 -17.16 -6.51
C ALA A 422 15.42 -16.30 -7.41
N ALA A 423 16.13 -16.95 -8.33
CA ALA A 423 16.92 -16.24 -9.30
C ALA A 423 15.98 -15.27 -10.09
N GLY A 424 16.50 -14.09 -10.40
CA GLY A 424 15.74 -13.10 -11.18
C GLY A 424 14.66 -12.39 -10.41
N THR A 425 14.71 -12.45 -9.09
CA THR A 425 13.67 -11.80 -8.34
C THR A 425 13.87 -10.29 -8.09
N THR A 426 12.77 -9.53 -8.12
CA THR A 426 12.87 -8.11 -7.76
C THR A 426 12.21 -8.11 -6.33
N VAL A 427 13.00 -7.83 -5.29
CA VAL A 427 12.50 -7.83 -3.91
C VAL A 427 12.20 -6.40 -3.46
N THR A 428 10.91 -6.13 -3.30
CA THR A 428 10.42 -4.82 -2.88
C THR A 428 9.82 -4.83 -1.46
N ARG A 429 9.60 -6.01 -0.90
CA ARG A 429 8.98 -6.11 0.42
C ARG A 429 9.75 -7.06 1.25
N ASN A 430 9.57 -6.98 2.59
CA ASN A 430 10.31 -7.87 3.47
C ASN A 430 10.05 -9.34 3.17
N VAL A 431 11.05 -10.19 3.37
CA VAL A 431 10.84 -11.62 3.13
C VAL A 431 10.86 -12.33 4.49
N GLY A 432 9.88 -13.20 4.72
CA GLY A 432 9.85 -13.88 6.00
C GLY A 432 10.93 -14.92 6.16
N GLU A 433 11.17 -15.31 7.42
CA GLU A 433 12.16 -16.32 7.74
C GLU A 433 11.78 -17.64 7.13
N ASN A 434 12.78 -18.32 6.59
CA ASN A 434 12.61 -19.62 5.96
C ASN A 434 11.63 -19.62 4.81
N ALA A 435 11.38 -18.46 4.21
CA ALA A 435 10.44 -18.46 3.11
C ALA A 435 11.15 -18.25 1.78
N LEU A 436 10.48 -18.68 0.71
CA LEU A 436 10.98 -18.48 -0.65
C LEU A 436 10.31 -17.22 -1.21
N ALA A 437 11.11 -16.24 -1.65
CA ALA A 437 10.55 -15.02 -2.27
C ALA A 437 10.75 -15.23 -3.77
N ILE A 438 9.79 -14.78 -4.57
CA ILE A 438 9.86 -15.00 -6.02
C ILE A 438 8.96 -14.00 -6.73
N SER A 439 9.26 -13.66 -7.98
CA SER A 439 8.45 -12.71 -8.78
C SER A 439 8.86 -13.03 -10.21
N ARG A 440 8.38 -14.19 -10.68
CA ARG A 440 8.75 -14.79 -11.92
C ARG A 440 7.64 -15.07 -12.89
N VAL A 441 7.92 -14.81 -14.13
CA VAL A 441 6.96 -15.10 -15.17
C VAL A 441 7.28 -16.55 -15.63
N PRO A 442 6.28 -17.46 -15.65
CA PRO A 442 6.57 -18.83 -16.09
C PRO A 442 7.17 -18.75 -17.52
N GLN A 443 8.11 -19.64 -17.80
CA GLN A 443 8.79 -19.69 -19.11
C GLN A 443 7.83 -20.24 -20.15
N THR A 444 7.73 -19.57 -21.29
CA THR A 444 6.90 -20.06 -22.38
C THR A 444 7.80 -20.10 -23.61
N GLN A 445 7.22 -20.56 -24.71
CA GLN A 445 7.98 -20.78 -25.92
C GLN A 445 7.20 -20.58 -27.22
N LYS A 446 7.85 -20.03 -28.22
CA LYS A 446 7.21 -19.84 -29.53
C LYS A 446 8.06 -20.66 -30.51
N GLU A 447 7.43 -21.61 -31.19
CA GLU A 447 8.10 -22.50 -32.13
C GLU A 447 8.55 -21.86 -33.43
N GLY A 448 9.65 -22.37 -33.99
CA GLY A 448 10.16 -21.89 -35.26
C GLY A 448 10.39 -20.41 -35.39
N TRP A 449 11.03 -19.81 -34.38
CA TRP A 449 11.33 -18.39 -34.38
C TRP A 449 12.54 -18.13 -35.26
N ARG A 450 12.38 -17.20 -36.20
CA ARG A 450 13.47 -16.88 -37.10
C ARG A 450 14.01 -15.46 -36.75
N ARG A 451 15.30 -15.39 -36.41
CA ARG A 451 15.92 -14.13 -36.00
C ARG A 451 16.03 -13.23 -37.22
N PRO A 452 16.05 -11.90 -37.02
CA PRO A 452 16.15 -10.95 -38.12
C PRO A 452 17.29 -11.20 -39.13
N VAL A 453 17.06 -10.83 -40.39
CA VAL A 453 18.08 -10.94 -41.44
C VAL A 453 18.92 -9.62 -41.52
N ASN B 3 -82.58 8.07 16.06
CA ASN B 3 -81.86 7.70 14.80
C ASN B 3 -80.46 7.10 15.08
N ASN B 4 -80.52 5.88 15.61
CA ASN B 4 -79.36 5.08 15.98
C ASN B 4 -78.08 5.17 15.11
N ALA B 5 -77.01 4.81 15.78
CA ALA B 5 -75.71 4.70 15.20
C ALA B 5 -75.44 3.17 15.24
N MET B 6 -74.21 2.76 15.01
CA MET B 6 -73.97 1.33 15.06
C MET B 6 -72.55 0.95 15.28
N SER B 7 -72.39 -0.24 15.85
CA SER B 7 -71.08 -0.82 16.08
C SER B 7 -70.97 -2.12 15.29
N VAL B 8 -69.75 -2.45 14.91
CA VAL B 8 -69.54 -3.68 14.15
C VAL B 8 -68.81 -4.73 15.01
N VAL B 9 -69.18 -5.99 14.84
CA VAL B 9 -68.47 -7.06 15.55
C VAL B 9 -67.99 -8.11 14.52
N ILE B 10 -66.69 -8.35 14.51
CA ILE B 10 -66.11 -9.33 13.57
C ILE B 10 -65.69 -10.61 14.32
N LEU B 11 -66.24 -11.76 13.95
CA LEU B 11 -65.87 -13.05 14.64
C LEU B 11 -64.67 -13.64 13.94
N ALA B 12 -63.57 -13.80 14.67
CA ALA B 12 -62.31 -14.29 14.12
C ALA B 12 -61.59 -15.24 15.06
N ALA B 13 -62.29 -15.79 16.03
CA ALA B 13 -61.68 -16.62 17.06
C ALA B 13 -61.59 -18.05 16.73
N GLY B 14 -62.36 -18.46 15.74
CA GLY B 14 -62.35 -19.87 15.43
C GLY B 14 -61.08 -20.45 14.83
N LYS B 15 -60.70 -21.63 15.27
CA LYS B 15 -59.56 -22.23 14.59
C LYS B 15 -60.20 -22.94 13.38
N GLY B 16 -60.03 -22.53 12.16
CA GLY B 16 -60.75 -23.33 11.16
C GLY B 16 -59.99 -24.63 10.93
N THR B 17 -60.37 -25.67 11.69
CA THR B 17 -59.72 -26.99 11.60
C THR B 17 -59.67 -27.53 10.16
N ARG B 18 -60.76 -27.31 9.41
CA ARG B 18 -60.87 -27.76 8.03
C ARG B 18 -59.79 -27.15 7.12
N MET B 19 -59.12 -26.11 7.60
CA MET B 19 -58.01 -25.50 6.88
C MET B 19 -56.71 -26.33 7.07
N TYR B 20 -56.68 -27.23 8.07
CA TYR B 20 -55.48 -28.04 8.38
C TYR B 20 -54.24 -27.14 8.39
N SER B 21 -54.31 -26.06 9.14
CA SER B 21 -53.22 -25.09 9.15
C SER B 21 -52.75 -24.81 10.57
N ASP B 22 -51.53 -24.31 10.74
CA ASP B 22 -51.07 -23.90 12.06
C ASP B 22 -51.26 -22.38 12.14
N LEU B 23 -51.82 -21.77 11.10
CA LEU B 23 -52.08 -20.34 11.06
C LEU B 23 -53.62 -20.15 11.20
N PRO B 24 -54.10 -19.28 12.11
CA PRO B 24 -55.53 -19.06 12.29
C PRO B 24 -56.16 -18.76 10.91
N LYS B 25 -57.26 -19.45 10.62
CA LYS B 25 -57.96 -19.27 9.37
C LYS B 25 -58.12 -17.84 8.87
N VAL B 26 -58.54 -16.88 9.70
CA VAL B 26 -58.81 -15.53 9.20
C VAL B 26 -57.58 -14.78 8.76
N LEU B 27 -56.42 -15.34 9.05
CA LEU B 27 -55.18 -14.71 8.60
C LEU B 27 -54.74 -15.21 7.22
N HIS B 28 -55.33 -16.30 6.75
CA HIS B 28 -54.95 -16.78 5.44
C HIS B 28 -55.31 -15.69 4.47
N THR B 29 -54.45 -15.52 3.48
CA THR B 29 -54.62 -14.45 2.49
C THR B 29 -55.39 -14.75 1.25
N LEU B 30 -55.99 -13.69 0.74
CA LEU B 30 -56.75 -13.71 -0.51
C LEU B 30 -56.23 -12.47 -1.28
N ALA B 31 -55.70 -12.71 -2.49
CA ALA B 31 -55.07 -11.66 -3.32
C ALA B 31 -53.98 -10.96 -2.45
N GLY B 32 -53.29 -11.72 -1.61
CA GLY B 32 -52.23 -11.07 -0.84
C GLY B 32 -52.66 -10.40 0.46
N LYS B 33 -53.96 -10.35 0.75
CA LYS B 33 -54.37 -9.72 1.99
C LYS B 33 -55.16 -10.71 2.90
N ALA B 34 -54.88 -10.67 4.21
CA ALA B 34 -55.58 -11.54 5.14
C ALA B 34 -57.09 -11.39 5.03
N MET B 35 -57.81 -12.52 5.00
CA MET B 35 -59.26 -12.40 4.92
C MET B 35 -59.81 -11.41 5.94
N VAL B 36 -59.31 -11.48 7.18
CA VAL B 36 -59.83 -10.60 8.25
C VAL B 36 -59.54 -9.09 7.98
N GLN B 37 -58.41 -8.82 7.30
CA GLN B 37 -58.06 -7.45 6.93
C GLN B 37 -59.06 -6.96 5.85
N HIS B 38 -59.49 -7.85 4.95
CA HIS B 38 -60.47 -7.47 3.92
C HIS B 38 -61.73 -7.05 4.64
N VAL B 39 -62.12 -7.84 5.65
CA VAL B 39 -63.35 -7.54 6.39
C VAL B 39 -63.24 -6.23 7.17
N ILE B 40 -62.11 -6.05 7.83
CA ILE B 40 -61.84 -4.85 8.60
C ILE B 40 -61.87 -3.62 7.71
N ASP B 41 -61.31 -3.72 6.50
CA ASP B 41 -61.33 -2.56 5.59
C ASP B 41 -62.77 -2.16 5.26
N ALA B 42 -63.66 -3.12 5.03
CA ALA B 42 -65.06 -2.78 4.76
C ALA B 42 -65.74 -2.14 6.00
N ALA B 43 -65.48 -2.73 7.17
CA ALA B 43 -66.07 -2.26 8.41
C ALA B 43 -65.69 -0.83 8.74
N ASN B 44 -64.42 -0.49 8.53
CA ASN B 44 -63.92 0.86 8.81
C ASN B 44 -64.48 1.96 7.91
N GLU B 45 -65.27 1.60 6.91
CA GLU B 45 -65.84 2.59 5.99
C GLU B 45 -67.32 2.81 6.25
N LEU B 46 -67.82 2.28 7.37
CA LEU B 46 -69.25 2.36 7.67
C LEU B 46 -69.62 3.45 8.64
N GLY B 47 -68.62 4.14 9.16
CA GLY B 47 -68.90 5.19 10.13
C GLY B 47 -69.47 4.53 11.36
N ALA B 48 -68.77 3.51 11.90
CA ALA B 48 -69.23 2.81 13.10
C ALA B 48 -68.66 3.43 14.34
N ALA B 49 -69.39 3.36 15.43
CA ALA B 49 -68.87 3.92 16.66
C ALA B 49 -67.69 3.06 17.15
N HIS B 50 -67.88 1.75 17.07
CA HIS B 50 -66.88 0.79 17.52
C HIS B 50 -66.79 -0.41 16.57
N VAL B 51 -65.59 -0.96 16.50
CA VAL B 51 -65.38 -2.16 15.70
C VAL B 51 -64.76 -3.19 16.66
N HIS B 52 -65.53 -4.22 16.96
CA HIS B 52 -65.07 -5.28 17.85
C HIS B 52 -64.51 -6.47 17.05
N LEU B 53 -63.43 -7.04 17.56
CA LEU B 53 -62.80 -8.17 16.91
C LEU B 53 -62.72 -9.28 17.94
N VAL B 54 -63.55 -10.31 17.79
CA VAL B 54 -63.55 -11.43 18.72
C VAL B 54 -62.49 -12.42 18.21
N TYR B 55 -61.47 -12.63 19.06
CA TYR B 55 -60.31 -13.47 18.79
C TYR B 55 -60.18 -14.59 19.82
N GLY B 56 -59.37 -15.59 19.51
CA GLY B 56 -59.25 -16.72 20.39
C GLY B 56 -58.05 -17.53 19.94
N HIS B 57 -58.28 -18.55 19.12
CA HIS B 57 -57.18 -19.37 18.60
C HIS B 57 -56.11 -18.49 17.92
N GLY B 58 -54.85 -18.66 18.31
CA GLY B 58 -53.75 -17.89 17.75
C GLY B 58 -53.86 -16.39 17.91
N GLY B 59 -54.47 -15.95 19.01
CA GLY B 59 -54.65 -14.52 19.21
C GLY B 59 -53.39 -13.70 19.04
N ASP B 60 -52.26 -14.28 19.44
CA ASP B 60 -50.98 -13.60 19.38
C ASP B 60 -50.64 -13.24 17.95
N LEU B 61 -50.84 -14.19 17.06
CA LEU B 61 -50.58 -13.98 15.64
C LEU B 61 -51.48 -12.87 15.11
N LEU B 62 -52.76 -12.90 15.50
CA LEU B 62 -53.69 -11.88 15.05
C LEU B 62 -53.24 -10.50 15.55
N LYS B 63 -52.86 -10.38 16.83
CA LYS B 63 -52.44 -9.08 17.39
C LYS B 63 -51.19 -8.49 16.68
N GLN B 64 -50.28 -9.36 16.31
CA GLN B 64 -49.09 -8.90 15.64
C GLN B 64 -49.36 -8.57 14.15
N ALA B 65 -50.33 -9.28 13.56
CA ALA B 65 -50.63 -9.04 12.17
C ALA B 65 -51.55 -7.85 11.97
N LEU B 66 -52.50 -7.67 12.88
CA LEU B 66 -53.45 -6.59 12.77
C LEU B 66 -53.07 -5.44 13.69
N LYS B 67 -52.68 -4.31 13.10
CA LYS B 67 -52.30 -3.16 13.90
C LYS B 67 -53.24 -1.97 13.66
N ASP B 68 -54.54 -2.24 13.74
CA ASP B 68 -55.60 -1.23 13.60
C ASP B 68 -55.95 -0.83 15.04
N ASP B 69 -55.73 0.43 15.39
CA ASP B 69 -56.02 0.90 16.74
C ASP B 69 -57.47 1.33 16.94
N ASN B 70 -58.29 1.08 15.93
CA ASN B 70 -59.69 1.40 16.06
C ASN B 70 -60.40 0.11 16.51
N LEU B 71 -59.64 -0.99 16.59
CA LEU B 71 -60.25 -2.27 16.98
C LEU B 71 -60.35 -2.48 18.49
N ASN B 72 -61.49 -2.98 18.94
CA ASN B 72 -61.64 -3.33 20.36
C ASN B 72 -61.53 -4.89 20.43
N TRP B 73 -60.42 -5.38 20.96
CA TRP B 73 -60.17 -6.83 21.03
C TRP B 73 -60.97 -7.52 22.11
N VAL B 74 -61.84 -8.45 21.70
CA VAL B 74 -62.66 -9.20 22.60
C VAL B 74 -62.28 -10.66 22.60
N LEU B 75 -61.82 -11.12 23.75
CA LEU B 75 -61.37 -12.50 23.83
C LEU B 75 -62.46 -13.55 23.99
N GLN B 76 -62.38 -14.62 23.21
CA GLN B 76 -63.30 -15.74 23.36
C GLN B 76 -62.28 -16.90 23.61
N ALA B 77 -61.89 -17.11 24.86
CA ALA B 77 -60.89 -18.15 25.28
C ALA B 77 -61.27 -19.57 24.86
N GLU B 78 -62.58 -19.86 24.88
CA GLU B 78 -63.08 -21.16 24.46
C GLU B 78 -64.04 -20.98 23.25
N GLN B 79 -63.75 -21.65 22.15
CA GLN B 79 -64.59 -21.49 20.94
C GLN B 79 -65.75 -22.44 20.98
N LEU B 80 -66.85 -22.01 21.62
CA LEU B 80 -68.02 -22.84 21.74
C LEU B 80 -69.13 -22.51 20.75
N GLY B 81 -68.82 -21.78 19.67
CA GLY B 81 -69.85 -21.47 18.70
C GLY B 81 -69.93 -19.99 18.42
N THR B 82 -70.45 -19.65 17.24
CA THR B 82 -70.56 -18.24 16.83
C THR B 82 -71.46 -17.47 17.83
N GLY B 83 -72.46 -18.15 18.39
CA GLY B 83 -73.38 -17.58 19.35
C GLY B 83 -72.64 -17.21 20.64
N HIS B 84 -71.84 -18.16 21.11
CA HIS B 84 -71.00 -17.97 22.29
C HIS B 84 -69.95 -16.88 22.05
N ALA B 85 -69.44 -16.77 20.81
CA ALA B 85 -68.47 -15.71 20.54
C ALA B 85 -69.13 -14.31 20.71
N MET B 86 -70.35 -14.18 20.18
CA MET B 86 -71.08 -12.92 20.30
C MET B 86 -71.39 -12.58 21.76
N GLN B 87 -71.62 -13.60 22.57
CA GLN B 87 -71.90 -13.39 23.97
C GLN B 87 -70.73 -12.67 24.64
N GLN B 88 -69.50 -12.92 24.15
CA GLN B 88 -68.32 -12.30 24.76
C GLN B 88 -68.23 -10.82 24.46
N ALA B 89 -68.82 -10.43 23.34
CA ALA B 89 -68.79 -9.05 22.88
C ALA B 89 -70.04 -8.29 23.39
N ALA B 90 -71.09 -9.03 23.73
CA ALA B 90 -72.36 -8.48 24.20
C ALA B 90 -72.21 -7.34 25.25
N PRO B 91 -71.27 -7.48 26.22
CA PRO B 91 -71.08 -6.42 27.24
C PRO B 91 -70.74 -5.05 26.65
N PHE B 92 -70.26 -5.02 25.40
CA PHE B 92 -69.93 -3.74 24.77
C PHE B 92 -71.00 -3.22 23.85
N PHE B 93 -72.11 -3.94 23.74
CA PHE B 93 -73.23 -3.55 22.90
C PHE B 93 -74.11 -2.56 23.66
N ALA B 94 -74.44 -1.45 23.00
CA ALA B 94 -75.30 -0.42 23.57
C ALA B 94 -76.72 -0.77 23.24
N ASP B 95 -77.64 -0.48 24.16
CA ASP B 95 -79.06 -0.73 23.97
C ASP B 95 -79.64 0.10 22.84
N ASP B 96 -79.10 1.30 22.62
CA ASP B 96 -79.64 2.20 21.60
C ASP B 96 -78.84 2.21 20.28
N GLU B 97 -78.04 1.18 20.00
CA GLU B 97 -77.32 1.16 18.73
C GLU B 97 -77.52 -0.15 17.95
N ASP B 98 -77.36 -0.10 16.65
CA ASP B 98 -77.49 -1.30 15.84
C ASP B 98 -76.15 -2.03 15.96
N ILE B 99 -76.22 -3.35 15.93
CA ILE B 99 -75.05 -4.21 16.01
C ILE B 99 -74.98 -5.00 14.69
N LEU B 100 -73.92 -4.76 13.89
CA LEU B 100 -73.70 -5.45 12.60
C LEU B 100 -72.68 -6.56 12.84
N MET B 101 -73.06 -7.79 12.56
CA MET B 101 -72.12 -8.91 12.73
C MET B 101 -71.50 -9.35 11.39
N LEU B 102 -70.17 -9.40 11.36
CA LEU B 102 -69.41 -9.88 10.17
C LEU B 102 -68.55 -11.12 10.54
N TYR B 103 -68.24 -11.96 9.55
CA TYR B 103 -67.39 -13.10 9.79
C TYR B 103 -66.04 -12.86 9.19
N GLY B 104 -65.03 -13.26 9.92
CA GLY B 104 -63.67 -13.07 9.45
C GLY B 104 -63.34 -13.96 8.25
N ASP B 105 -64.18 -14.94 7.92
CA ASP B 105 -63.87 -15.79 6.77
C ASP B 105 -64.88 -15.55 5.59
N VAL B 106 -65.46 -14.36 5.53
CA VAL B 106 -66.37 -13.97 4.42
C VAL B 106 -65.75 -12.63 4.03
N PRO B 107 -64.56 -12.70 3.41
CA PRO B 107 -63.75 -11.55 3.00
C PRO B 107 -64.17 -10.50 2.02
N LEU B 108 -64.90 -10.88 0.98
CA LEU B 108 -65.21 -9.92 -0.07
C LEU B 108 -66.45 -9.06 0.07
N ILE B 109 -67.04 -9.07 1.27
CA ILE B 109 -68.24 -8.29 1.53
C ILE B 109 -68.01 -6.81 1.18
N SER B 110 -68.88 -6.24 0.35
CA SER B 110 -68.73 -4.83 -0.01
C SER B 110 -69.45 -3.84 0.93
N VAL B 111 -68.84 -2.67 1.06
CA VAL B 111 -69.38 -1.61 1.86
C VAL B 111 -70.81 -1.30 1.38
N GLU B 112 -71.01 -1.27 0.06
CA GLU B 112 -72.32 -0.96 -0.49
C GLU B 112 -73.42 -1.92 0.04
N THR B 113 -73.17 -3.23 -0.05
CA THR B 113 -74.11 -4.23 0.41
C THR B 113 -74.41 -4.08 1.90
N LEU B 114 -73.39 -3.80 2.69
CA LEU B 114 -73.58 -3.60 4.12
C LEU B 114 -74.41 -2.35 4.40
N GLN B 115 -74.23 -1.27 3.63
CA GLN B 115 -75.04 -0.05 3.86
C GLN B 115 -76.51 -0.38 3.53
N ARG B 116 -76.73 -1.20 2.50
CA ARG B 116 -78.10 -1.60 2.10
C ARG B 116 -78.74 -2.48 3.18
N LEU B 117 -77.92 -3.36 3.74
CA LEU B 117 -78.37 -4.25 4.79
C LEU B 117 -78.77 -3.43 5.99
N ARG B 118 -77.95 -2.46 6.36
CA ARG B 118 -78.26 -1.60 7.50
C ARG B 118 -79.61 -0.90 7.32
N ASP B 119 -79.90 -0.49 6.09
CA ASP B 119 -81.15 0.22 5.79
C ASP B 119 -82.35 -0.70 5.74
N ALA B 120 -82.10 -1.98 5.47
CA ALA B 120 -83.19 -2.95 5.38
C ALA B 120 -83.59 -3.49 6.75
N LYS B 121 -82.80 -3.18 7.76
CA LYS B 121 -83.15 -3.72 9.07
C LYS B 121 -84.50 -3.18 9.59
N PRO B 122 -85.49 -4.06 9.76
CA PRO B 122 -86.79 -3.60 10.25
C PRO B 122 -86.73 -3.23 11.75
N GLN B 123 -87.53 -2.25 12.15
CA GLN B 123 -87.53 -1.80 13.53
C GLN B 123 -87.79 -2.97 14.44
N GLY B 124 -86.99 -3.10 15.49
CA GLY B 124 -87.15 -4.20 16.42
C GLY B 124 -86.91 -5.59 15.83
N GLY B 125 -86.51 -5.68 14.56
CA GLY B 125 -86.27 -6.96 13.91
C GLY B 125 -84.81 -7.19 13.49
N ILE B 126 -84.61 -8.04 12.48
CA ILE B 126 -83.26 -8.35 12.04
C ILE B 126 -83.13 -8.22 10.51
N GLY B 127 -82.00 -7.67 10.08
CA GLY B 127 -81.69 -7.62 8.67
C GLY B 127 -80.75 -8.82 8.42
N LEU B 128 -81.10 -9.76 7.50
CA LEU B 128 -80.30 -10.96 7.27
C LEU B 128 -79.83 -11.03 5.84
N LEU B 129 -78.52 -11.09 5.64
CA LEU B 129 -77.98 -11.17 4.30
C LEU B 129 -77.99 -12.60 3.80
N THR B 130 -78.77 -12.89 2.76
CA THR B 130 -78.86 -14.25 2.25
C THR B 130 -78.66 -14.29 0.73
N VAL B 131 -78.42 -15.48 0.20
CA VAL B 131 -78.24 -15.62 -1.25
C VAL B 131 -78.46 -17.08 -1.61
N LYS B 132 -78.73 -17.32 -2.89
CA LYS B 132 -78.96 -18.67 -3.39
C LYS B 132 -77.74 -19.15 -4.14
N LEU B 133 -77.29 -20.35 -3.82
CA LEU B 133 -76.11 -20.95 -4.43
C LEU B 133 -76.50 -22.28 -5.07
N ASP B 134 -75.80 -22.67 -6.14
CA ASP B 134 -76.07 -23.96 -6.78
C ASP B 134 -75.61 -25.09 -5.87
N ASP B 135 -74.60 -24.82 -5.06
CA ASP B 135 -74.10 -25.82 -4.12
C ASP B 135 -74.09 -25.17 -2.72
N PRO B 136 -75.15 -25.43 -1.92
CA PRO B 136 -75.28 -24.89 -0.55
C PRO B 136 -74.62 -25.75 0.52
N THR B 137 -73.87 -26.75 0.10
CA THR B 137 -73.26 -27.66 1.05
C THR B 137 -72.44 -26.97 2.14
N GLY B 138 -72.74 -27.29 3.41
CA GLY B 138 -71.99 -26.72 4.53
C GLY B 138 -72.55 -25.42 5.03
N TYR B 139 -73.41 -24.79 4.27
CA TYR B 139 -73.98 -23.53 4.69
C TYR B 139 -75.29 -23.70 5.47
N GLY B 140 -75.58 -22.75 6.36
CA GLY B 140 -76.84 -22.77 7.06
C GLY B 140 -77.94 -22.46 6.02
N ARG B 141 -79.08 -23.13 6.14
CA ARG B 141 -80.24 -22.99 5.25
C ARG B 141 -81.31 -22.02 5.82
N ILE B 142 -81.85 -21.18 4.95
CA ILE B 142 -82.88 -20.22 5.33
C ILE B 142 -84.22 -20.93 5.22
N THR B 143 -85.00 -20.94 6.29
CA THR B 143 -86.29 -21.61 6.27
C THR B 143 -87.31 -20.50 6.12
N ARG B 144 -88.36 -20.79 5.36
CA ARG B 144 -89.42 -19.83 5.11
C ARG B 144 -90.84 -20.44 5.25
N GLU B 145 -91.78 -19.59 5.67
CA GLU B 145 -93.19 -19.97 5.79
C GLU B 145 -93.99 -18.79 5.23
N ASN B 146 -94.82 -19.06 4.22
CA ASN B 146 -95.65 -18.03 3.59
C ASN B 146 -94.74 -16.91 3.09
N GLY B 147 -93.59 -17.32 2.53
CA GLY B 147 -92.63 -16.36 2.04
C GLY B 147 -91.88 -15.59 3.13
N LYS B 148 -92.22 -15.78 4.41
CA LYS B 148 -91.53 -15.06 5.49
C LYS B 148 -90.39 -15.91 6.03
N VAL B 149 -89.29 -15.26 6.41
CA VAL B 149 -88.13 -15.96 6.93
C VAL B 149 -88.45 -16.41 8.36
N THR B 150 -88.32 -17.71 8.63
CA THR B 150 -88.62 -18.19 9.99
C THR B 150 -87.38 -18.64 10.81
N GLY B 151 -86.25 -18.88 10.11
CA GLY B 151 -85.04 -19.25 10.82
C GLY B 151 -83.93 -19.75 9.91
N ILE B 152 -82.86 -20.25 10.52
CA ILE B 152 -81.72 -20.82 9.80
C ILE B 152 -81.43 -22.21 10.37
N VAL B 153 -81.23 -23.20 9.51
CA VAL B 153 -80.90 -24.52 10.00
C VAL B 153 -79.52 -24.92 9.42
N GLU B 154 -78.55 -25.13 10.32
CA GLU B 154 -77.20 -25.52 9.97
C GLU B 154 -77.25 -26.80 9.18
N HIS B 155 -76.25 -26.95 8.31
CA HIS B 155 -76.10 -28.12 7.40
C HIS B 155 -76.12 -29.43 8.18
N LYS B 156 -75.35 -29.52 9.26
CA LYS B 156 -75.30 -30.74 10.08
C LYS B 156 -76.67 -31.10 10.64
N ASP B 157 -77.43 -30.10 11.06
CA ASP B 157 -78.75 -30.34 11.61
C ASP B 157 -79.87 -30.44 10.57
N ALA B 158 -79.58 -30.08 9.31
CA ALA B 158 -80.63 -30.11 8.29
C ALA B 158 -81.02 -31.50 7.85
N THR B 159 -82.32 -31.71 7.65
CA THR B 159 -82.81 -33.00 7.14
C THR B 159 -82.52 -33.02 5.66
N ASP B 160 -82.60 -34.19 5.05
CA ASP B 160 -82.32 -34.29 3.64
C ASP B 160 -83.18 -33.37 2.81
N GLU B 161 -84.39 -33.15 3.28
CA GLU B 161 -85.27 -32.28 2.53
C GLU B 161 -84.83 -30.82 2.71
N GLN B 162 -84.44 -30.46 3.93
CA GLN B 162 -84.00 -29.07 4.20
C GLN B 162 -82.68 -28.77 3.47
N ARG B 163 -81.88 -29.82 3.24
CA ARG B 163 -80.60 -29.66 2.55
C ARG B 163 -80.81 -29.38 1.06
N GLN B 164 -82.06 -29.44 0.63
CA GLN B 164 -82.40 -29.15 -0.76
C GLN B 164 -82.54 -27.61 -0.92
N ILE B 165 -82.75 -26.88 0.17
CA ILE B 165 -82.89 -25.42 0.11
C ILE B 165 -81.58 -24.81 -0.39
N GLN B 166 -81.67 -23.94 -1.40
CA GLN B 166 -80.47 -23.37 -1.93
C GLN B 166 -80.25 -21.97 -1.42
N GLU B 167 -81.18 -21.40 -0.67
CA GLU B 167 -81.01 -20.05 -0.12
C GLU B 167 -80.25 -20.25 1.20
N ILE B 168 -79.08 -19.64 1.28
CA ILE B 168 -78.26 -19.83 2.45
C ILE B 168 -77.96 -18.61 3.25
N ASN B 169 -77.55 -18.84 4.48
CA ASN B 169 -77.17 -17.77 5.36
C ASN B 169 -75.71 -17.40 5.02
N THR B 170 -75.44 -16.11 4.75
CA THR B 170 -74.10 -15.64 4.38
C THR B 170 -73.33 -15.44 5.65
N GLY B 171 -74.06 -15.43 6.78
CA GLY B 171 -73.43 -15.24 8.09
C GLY B 171 -73.58 -13.79 8.56
N ILE B 172 -73.87 -12.87 7.63
CA ILE B 172 -73.93 -11.48 8.02
C ILE B 172 -75.34 -11.03 8.38
N LEU B 173 -75.49 -10.33 9.52
CA LEU B 173 -76.83 -9.88 9.96
C LEU B 173 -76.67 -8.66 10.84
N ILE B 174 -77.77 -7.99 11.10
CA ILE B 174 -77.70 -6.78 11.93
C ILE B 174 -78.96 -6.67 12.73
N ALA B 175 -78.83 -6.13 13.95
CA ALA B 175 -80.00 -5.93 14.81
C ALA B 175 -79.71 -4.94 15.92
N ASN B 176 -80.76 -4.48 16.60
CA ASN B 176 -80.59 -3.56 17.73
C ASN B 176 -79.80 -4.26 18.86
N GLY B 177 -78.93 -3.52 19.54
CA GLY B 177 -78.13 -4.07 20.62
C GLY B 177 -78.95 -4.69 21.76
N ALA B 178 -80.01 -4.01 22.20
CA ALA B 178 -80.83 -4.54 23.30
C ALA B 178 -81.49 -5.86 22.87
N ASP B 179 -82.07 -5.88 21.68
CA ASP B 179 -82.67 -7.12 21.22
C ASP B 179 -81.58 -8.22 21.13
N MET B 180 -80.43 -7.91 20.51
CA MET B 180 -79.34 -8.89 20.36
C MET B 180 -78.99 -9.54 21.71
N LYS B 181 -78.79 -8.68 22.73
CA LYS B 181 -78.47 -9.16 24.07
C LYS B 181 -79.54 -10.11 24.59
N ARG B 182 -80.81 -9.77 24.38
CA ARG B 182 -81.91 -10.65 24.83
C ARG B 182 -81.91 -12.02 24.16
N TRP B 183 -81.69 -12.04 22.85
CA TRP B 183 -81.67 -13.31 22.17
C TRP B 183 -80.47 -14.16 22.52
N LEU B 184 -79.34 -13.49 22.75
CA LEU B 184 -78.10 -14.19 23.07
C LEU B 184 -78.25 -15.01 24.35
N ALA B 185 -79.02 -14.45 25.30
CA ALA B 185 -79.21 -15.09 26.62
C ALA B 185 -80.13 -16.29 26.53
N LYS B 186 -80.81 -16.45 25.39
CA LYS B 186 -81.71 -17.57 25.19
C LYS B 186 -81.09 -18.75 24.42
N LEU B 187 -79.82 -18.63 24.00
CA LEU B 187 -79.17 -19.70 23.20
C LEU B 187 -78.87 -20.96 24.03
N THR B 188 -79.09 -22.14 23.43
CA THR B 188 -78.79 -23.43 24.05
C THR B 188 -77.97 -24.23 22.99
N ASN B 189 -77.23 -25.26 23.44
CA ASN B 189 -76.40 -26.04 22.55
C ASN B 189 -76.94 -27.45 22.23
N ASN B 190 -78.26 -27.55 22.16
CA ASN B 190 -78.90 -28.83 21.85
C ASN B 190 -79.04 -28.99 20.34
N ASN B 191 -77.92 -29.30 19.69
CA ASN B 191 -77.86 -29.43 18.25
C ASN B 191 -76.79 -30.45 17.91
N ALA B 192 -76.60 -30.71 16.62
CA ALA B 192 -75.68 -31.71 16.11
C ALA B 192 -74.24 -31.50 16.50
N GLN B 193 -73.91 -30.28 16.88
CA GLN B 193 -72.53 -29.97 17.24
C GLN B 193 -72.27 -29.68 18.70
N GLY B 194 -73.33 -29.56 19.48
CA GLY B 194 -73.17 -29.22 20.89
C GLY B 194 -72.65 -27.79 21.03
N GLU B 195 -72.93 -26.92 20.04
CA GLU B 195 -72.44 -25.52 20.07
C GLU B 195 -73.54 -24.50 20.24
N TYR B 196 -73.18 -23.28 20.57
CA TYR B 196 -74.17 -22.23 20.66
C TYR B 196 -74.12 -21.50 19.27
N TYR B 197 -75.13 -21.74 18.45
CA TYR B 197 -75.25 -21.14 17.10
C TYR B 197 -75.84 -19.74 17.19
N ILE B 198 -75.13 -18.75 16.67
CA ILE B 198 -75.70 -17.39 16.65
C ILE B 198 -76.96 -17.40 15.73
N THR B 199 -76.98 -18.34 14.79
CA THR B 199 -78.04 -18.48 13.79
C THR B 199 -79.40 -18.82 14.40
N ASP B 200 -79.43 -19.25 15.67
CA ASP B 200 -80.67 -19.56 16.34
C ASP B 200 -81.44 -18.25 16.65
N ILE B 201 -80.82 -17.06 16.60
CA ILE B 201 -81.58 -15.84 16.93
C ILE B 201 -82.68 -15.51 15.90
N ILE B 202 -82.50 -16.01 14.69
CA ILE B 202 -83.51 -15.75 13.68
C ILE B 202 -84.84 -16.37 14.16
N ALA B 203 -84.84 -17.68 14.46
CA ALA B 203 -86.03 -18.36 14.95
C ALA B 203 -86.50 -17.77 16.29
N LEU B 204 -85.59 -17.29 17.12
CA LEU B 204 -86.01 -16.68 18.38
C LEU B 204 -86.74 -15.35 18.12
N ALA B 205 -86.23 -14.57 17.16
CA ALA B 205 -86.87 -13.29 16.85
C ALA B 205 -88.23 -13.58 16.24
N TYR B 206 -88.28 -14.57 15.37
CA TYR B 206 -89.52 -14.91 14.73
C TYR B 206 -90.59 -15.29 15.77
N GLN B 207 -90.18 -15.97 16.85
CA GLN B 207 -91.10 -16.42 17.88
C GLN B 207 -91.67 -15.28 18.67
N GLU B 208 -90.90 -14.21 18.82
CA GLU B 208 -91.38 -13.05 19.54
C GLU B 208 -92.29 -12.19 18.60
N GLY B 209 -92.58 -12.67 17.39
CA GLY B 209 -93.37 -11.87 16.45
C GLY B 209 -92.59 -10.72 15.81
N ARG B 210 -91.27 -10.82 15.83
CA ARG B 210 -90.42 -9.80 15.22
C ARG B 210 -90.12 -10.19 13.77
N GLU B 211 -89.84 -9.21 12.93
CA GLU B 211 -89.57 -9.49 11.52
C GLU B 211 -88.11 -9.62 11.11
N ILE B 212 -87.87 -10.53 10.17
CA ILE B 212 -86.52 -10.75 9.66
C ILE B 212 -86.59 -10.42 8.17
N VAL B 213 -85.88 -9.38 7.76
CA VAL B 213 -85.86 -9.01 6.35
C VAL B 213 -84.60 -9.57 5.68
N ALA B 214 -84.80 -10.39 4.64
CA ALA B 214 -83.69 -10.95 3.89
C ALA B 214 -83.24 -9.94 2.85
N VAL B 215 -81.93 -9.67 2.81
CA VAL B 215 -81.30 -8.80 1.83
C VAL B 215 -80.32 -9.66 1.00
N HIS B 216 -80.14 -9.30 -0.27
CA HIS B 216 -79.24 -10.02 -1.19
C HIS B 216 -78.11 -9.12 -1.64
N PRO B 217 -76.95 -9.70 -1.89
CA PRO B 217 -75.77 -8.94 -2.33
C PRO B 217 -75.79 -8.67 -3.84
N GLN B 218 -74.82 -7.89 -4.33
CA GLN B 218 -74.67 -7.58 -5.76
C GLN B 218 -74.06 -8.80 -6.50
N ARG B 219 -73.06 -9.46 -5.91
CA ARG B 219 -72.40 -10.62 -6.53
C ARG B 219 -72.36 -11.74 -5.49
N LEU B 220 -72.39 -12.99 -5.94
CA LEU B 220 -72.25 -14.12 -5.03
C LEU B 220 -70.87 -14.09 -4.34
N SER B 221 -69.83 -13.75 -5.08
CA SER B 221 -68.47 -13.77 -4.51
C SER B 221 -68.30 -12.89 -3.28
N GLU B 222 -69.10 -11.84 -3.17
CA GLU B 222 -68.86 -10.99 -2.02
C GLU B 222 -69.40 -11.59 -0.72
N VAL B 223 -70.11 -12.72 -0.77
CA VAL B 223 -70.63 -13.32 0.46
C VAL B 223 -70.26 -14.79 0.65
N GLU B 224 -69.43 -15.32 -0.24
CA GLU B 224 -69.00 -16.71 -0.10
C GLU B 224 -68.01 -16.82 1.04
N GLY B 225 -68.17 -17.89 1.83
CA GLY B 225 -67.28 -18.12 2.96
C GLY B 225 -66.13 -19.06 2.62
N VAL B 226 -65.10 -19.07 3.45
CA VAL B 226 -63.93 -19.91 3.24
C VAL B 226 -63.70 -20.76 4.48
N ASN B 227 -63.93 -22.06 4.34
CA ASN B 227 -63.77 -23.00 5.49
C ASN B 227 -62.63 -23.98 5.26
N ASN B 228 -62.12 -24.02 4.03
CA ASN B 228 -61.02 -24.93 3.67
C ASN B 228 -60.25 -24.33 2.51
N ARG B 229 -59.11 -24.92 2.13
CA ARG B 229 -58.26 -24.37 1.06
C ARG B 229 -58.92 -24.41 -0.31
N LEU B 230 -59.79 -25.39 -0.51
CA LEU B 230 -60.47 -25.48 -1.79
C LEU B 230 -61.37 -24.27 -2.00
N GLN B 231 -62.19 -23.95 -0.99
CA GLN B 231 -63.07 -22.80 -1.08
C GLN B 231 -62.22 -21.51 -1.23
N LEU B 232 -61.09 -21.47 -0.51
CA LEU B 232 -60.26 -20.29 -0.58
C LEU B 232 -59.71 -20.10 -2.02
N SER B 233 -59.20 -21.19 -2.60
CA SER B 233 -58.64 -21.18 -3.94
C SER B 233 -59.66 -20.76 -4.99
N ARG B 234 -60.87 -21.30 -4.88
CA ARG B 234 -61.91 -20.93 -5.80
C ARG B 234 -62.30 -19.42 -5.70
N LEU B 235 -62.30 -18.92 -4.46
CA LEU B 235 -62.65 -17.54 -4.20
C LEU B 235 -61.59 -16.64 -4.78
N GLU B 236 -60.33 -17.04 -4.64
CA GLU B 236 -59.20 -16.32 -5.22
C GLU B 236 -59.40 -16.23 -6.76
N ARG B 237 -59.70 -17.36 -7.41
CA ARG B 237 -59.93 -17.38 -8.86
C ARG B 237 -61.07 -16.46 -9.25
N VAL B 238 -62.20 -16.52 -8.56
CA VAL B 238 -63.32 -15.63 -8.88
C VAL B 238 -62.88 -14.17 -8.70
N TYR B 239 -62.19 -13.88 -7.60
CA TYR B 239 -61.77 -12.51 -7.34
C TYR B 239 -60.80 -12.01 -8.41
N GLN B 240 -59.87 -12.88 -8.82
CA GLN B 240 -58.92 -12.49 -9.85
C GLN B 240 -59.65 -12.26 -11.19
N SER B 241 -60.68 -13.06 -11.48
CA SER B 241 -61.44 -12.91 -12.73
C SER B 241 -62.15 -11.60 -12.75
N GLU B 242 -62.72 -11.24 -11.61
CA GLU B 242 -63.44 -9.96 -11.55
C GLU B 242 -62.47 -8.80 -11.70
N GLN B 243 -61.31 -8.92 -11.07
CA GLN B 243 -60.34 -7.85 -11.16
C GLN B 243 -59.83 -7.75 -12.59
N ALA B 244 -59.60 -8.92 -13.21
CA ALA B 244 -59.11 -8.97 -14.60
C ALA B 244 -60.14 -8.37 -15.54
N GLU B 245 -61.42 -8.71 -15.37
CA GLU B 245 -62.45 -8.14 -16.24
C GLU B 245 -62.52 -6.62 -16.09
N LYS B 246 -62.43 -6.13 -14.86
CA LYS B 246 -62.44 -4.70 -14.70
C LYS B 246 -61.28 -4.07 -15.45
N LEU B 247 -60.08 -4.66 -15.34
CA LEU B 247 -58.91 -4.09 -16.02
C LEU B 247 -59.09 -4.06 -17.56
N LEU B 248 -59.63 -5.14 -18.10
CA LEU B 248 -59.85 -5.23 -19.53
C LEU B 248 -60.85 -4.16 -19.93
N LEU B 249 -61.93 -4.05 -19.16
CA LEU B 249 -62.91 -3.02 -19.51
C LEU B 249 -62.31 -1.64 -19.45
N ALA B 250 -61.36 -1.40 -18.53
CA ALA B 250 -60.69 -0.09 -18.36
C ALA B 250 -59.59 0.13 -19.45
N GLY B 251 -59.37 -0.84 -20.33
CA GLY B 251 -58.36 -0.62 -21.37
C GLY B 251 -56.99 -1.29 -21.19
N VAL B 252 -56.88 -2.20 -20.23
CA VAL B 252 -55.61 -2.91 -20.08
C VAL B 252 -55.80 -4.24 -20.84
N MET B 253 -54.92 -4.50 -21.79
CA MET B 253 -55.00 -5.69 -22.59
C MET B 253 -54.36 -6.91 -21.87
N LEU B 254 -55.16 -7.76 -21.25
CA LEU B 254 -54.58 -8.96 -20.67
C LEU B 254 -54.74 -10.04 -21.77
N ARG B 255 -53.64 -10.65 -22.21
CA ARG B 255 -53.63 -11.72 -23.22
C ARG B 255 -54.43 -12.96 -22.80
N ASP B 256 -54.63 -13.13 -21.50
CA ASP B 256 -55.49 -14.23 -21.04
C ASP B 256 -55.99 -13.88 -19.63
N PRO B 257 -57.26 -13.44 -19.50
CA PRO B 257 -57.84 -13.06 -18.19
C PRO B 257 -57.71 -14.19 -17.14
N ALA B 258 -57.74 -15.45 -17.58
CA ALA B 258 -57.59 -16.60 -16.67
C ALA B 258 -56.16 -16.86 -16.17
N ARG B 259 -55.17 -16.21 -16.79
CA ARG B 259 -53.75 -16.37 -16.41
C ARG B 259 -53.11 -15.03 -16.10
N PHE B 260 -53.72 -14.36 -15.13
CA PHE B 260 -53.28 -13.09 -14.65
C PHE B 260 -53.60 -12.95 -13.16
N ASP B 261 -52.67 -12.45 -12.38
CA ASP B 261 -52.97 -12.28 -10.99
C ASP B 261 -52.54 -10.92 -10.50
N LEU B 262 -53.45 -10.28 -9.79
CA LEU B 262 -53.17 -8.98 -9.17
C LEU B 262 -53.33 -9.16 -7.63
N ARG B 263 -52.26 -8.91 -6.85
CA ARG B 263 -52.30 -9.07 -5.37
C ARG B 263 -51.84 -7.74 -4.83
N GLY B 264 -52.74 -6.78 -4.93
CA GLY B 264 -52.40 -5.44 -4.54
C GLY B 264 -53.09 -4.43 -5.42
N THR B 265 -52.35 -3.38 -5.79
CA THR B 265 -52.91 -2.29 -6.56
C THR B 265 -52.15 -2.03 -7.83
N LEU B 266 -52.89 -1.78 -8.90
CA LEU B 266 -52.24 -1.55 -10.16
C LEU B 266 -52.65 -0.22 -10.74
N THR B 267 -51.71 0.70 -10.95
CA THR B 267 -52.00 1.98 -11.61
C THR B 267 -51.44 1.85 -13.03
N HIS B 268 -52.21 2.24 -14.03
CA HIS B 268 -51.73 2.09 -15.40
C HIS B 268 -52.11 3.22 -16.36
N GLY B 269 -51.33 3.39 -17.41
CA GLY B 269 -51.69 4.36 -18.43
C GLY B 269 -52.48 3.66 -19.54
N ARG B 270 -52.44 4.18 -20.77
CA ARG B 270 -53.18 3.61 -21.90
C ARG B 270 -52.36 2.62 -22.71
N ASP B 271 -53.03 1.63 -23.31
CA ASP B 271 -52.38 0.65 -24.13
C ASP B 271 -51.30 -0.21 -23.48
N VAL B 272 -51.51 -0.55 -22.23
CA VAL B 272 -50.59 -1.45 -21.58
C VAL B 272 -50.98 -2.88 -22.11
N GLU B 273 -49.98 -3.69 -22.39
CA GLU B 273 -50.14 -5.06 -22.86
C GLU B 273 -49.48 -5.99 -21.84
N ILE B 274 -50.26 -6.97 -21.36
CA ILE B 274 -49.76 -7.89 -20.37
C ILE B 274 -50.00 -9.30 -20.90
N ASP B 275 -48.92 -10.03 -21.17
CA ASP B 275 -49.10 -11.38 -21.71
C ASP B 275 -49.50 -12.38 -20.59
N THR B 276 -49.57 -13.66 -20.93
CA THR B 276 -49.98 -14.68 -19.99
C THR B 276 -49.04 -14.88 -18.78
N ASN B 277 -49.63 -15.38 -17.72
CA ASN B 277 -48.96 -15.73 -16.46
C ASN B 277 -48.16 -14.63 -15.81
N VAL B 278 -48.66 -13.40 -15.89
CA VAL B 278 -47.94 -12.35 -15.24
C VAL B 278 -48.54 -12.24 -13.85
N ILE B 279 -47.71 -11.92 -12.85
CA ILE B 279 -48.18 -11.72 -11.50
C ILE B 279 -47.80 -10.29 -11.00
N ILE B 280 -48.78 -9.53 -10.55
CA ILE B 280 -48.48 -8.16 -10.09
C ILE B 280 -48.69 -8.16 -8.57
N GLU B 281 -47.69 -7.74 -7.81
CA GLU B 281 -47.81 -7.71 -6.35
C GLU B 281 -47.56 -6.37 -5.68
N GLY B 282 -48.28 -6.12 -4.61
CA GLY B 282 -48.05 -4.84 -3.91
C GLY B 282 -48.52 -3.68 -4.76
N ASN B 283 -47.89 -2.49 -4.67
CA ASN B 283 -48.35 -1.32 -5.46
C ASN B 283 -47.48 -1.18 -6.72
N VAL B 284 -48.08 -1.35 -7.89
CA VAL B 284 -47.29 -1.25 -9.10
C VAL B 284 -47.87 -0.18 -10.01
N THR B 285 -47.02 0.62 -10.60
CA THR B 285 -47.47 1.67 -11.53
C THR B 285 -46.89 1.37 -12.88
N LEU B 286 -47.72 1.36 -13.89
CA LEU B 286 -47.24 1.11 -15.26
C LEU B 286 -47.60 2.30 -16.12
N GLY B 287 -46.64 2.88 -16.84
CA GLY B 287 -46.95 4.01 -17.70
C GLY B 287 -47.69 3.63 -18.98
N HIS B 288 -47.82 4.55 -19.93
CA HIS B 288 -48.50 4.27 -21.20
C HIS B 288 -47.68 3.31 -22.05
N ARG B 289 -48.38 2.44 -22.77
CA ARG B 289 -47.76 1.52 -23.71
C ARG B 289 -46.68 0.61 -23.15
N VAL B 290 -46.75 0.31 -21.86
CA VAL B 290 -45.79 -0.62 -21.30
C VAL B 290 -46.18 -2.05 -21.79
N LYS B 291 -45.21 -2.83 -22.21
CA LYS B 291 -45.49 -4.21 -22.67
C LYS B 291 -44.79 -5.19 -21.74
N ILE B 292 -45.53 -6.16 -21.22
CA ILE B 292 -44.98 -7.15 -20.30
C ILE B 292 -45.13 -8.50 -20.91
N GLY B 293 -44.01 -9.15 -21.13
CA GLY B 293 -44.04 -10.46 -21.73
C GLY B 293 -44.49 -11.52 -20.73
N THR B 294 -44.72 -12.74 -21.25
CA THR B 294 -45.20 -13.85 -20.45
C THR B 294 -44.31 -14.21 -19.23
N GLY B 295 -44.98 -14.62 -18.14
CA GLY B 295 -44.32 -15.05 -16.91
C GLY B 295 -43.67 -14.06 -15.96
N CYS B 296 -43.76 -12.76 -16.26
CA CYS B 296 -43.12 -11.80 -15.40
C CYS B 296 -43.79 -11.66 -14.07
N VAL B 297 -42.98 -11.32 -13.08
CA VAL B 297 -43.49 -11.10 -11.74
C VAL B 297 -43.03 -9.66 -11.38
N ILE B 298 -43.96 -8.77 -11.12
CA ILE B 298 -43.57 -7.39 -10.76
C ILE B 298 -44.19 -7.02 -9.42
N LYS B 299 -43.33 -6.61 -8.49
CA LYS B 299 -43.77 -6.22 -7.16
C LYS B 299 -43.25 -4.86 -6.75
N ASN B 300 -44.14 -4.05 -6.18
CA ASN B 300 -43.82 -2.69 -5.68
C ASN B 300 -42.81 -1.98 -6.57
N SER B 301 -43.19 -1.72 -7.81
CA SER B 301 -42.26 -1.08 -8.75
C SER B 301 -42.99 -0.10 -9.62
N VAL B 302 -42.22 0.81 -10.19
CA VAL B 302 -42.74 1.86 -11.07
C VAL B 302 -42.06 1.66 -12.44
N ILE B 303 -42.86 1.49 -13.51
CA ILE B 303 -42.38 1.25 -14.88
C ILE B 303 -42.86 2.43 -15.76
N GLY B 304 -41.90 3.16 -16.33
CA GLY B 304 -42.26 4.30 -17.17
C GLY B 304 -42.83 3.98 -18.52
N ASP B 305 -43.27 5.02 -19.22
CA ASP B 305 -43.88 4.83 -20.51
C ASP B 305 -43.01 4.06 -21.50
N ASP B 306 -43.65 3.32 -22.38
CA ASP B 306 -42.97 2.55 -23.43
C ASP B 306 -41.97 1.53 -23.01
N CYS B 307 -41.91 1.18 -21.72
CA CYS B 307 -40.95 0.14 -21.34
C CYS B 307 -41.40 -1.24 -21.86
N GLU B 308 -40.43 -2.11 -22.09
CA GLU B 308 -40.71 -3.48 -22.55
C GLU B 308 -39.98 -4.44 -21.64
N ILE B 309 -40.79 -5.24 -20.96
CA ILE B 309 -40.31 -6.22 -20.03
C ILE B 309 -40.48 -7.56 -20.73
N SER B 310 -39.37 -8.14 -21.15
CA SER B 310 -39.41 -9.40 -21.89
C SER B 310 -39.76 -10.54 -20.95
N PRO B 311 -40.09 -11.74 -21.51
CA PRO B 311 -40.47 -12.93 -20.73
C PRO B 311 -39.67 -13.37 -19.52
N TYR B 312 -40.36 -13.91 -18.51
CA TYR B 312 -39.63 -14.47 -17.37
C TYR B 312 -38.65 -13.52 -16.69
N THR B 313 -39.12 -12.30 -16.38
CA THR B 313 -38.30 -11.28 -15.72
C THR B 313 -38.95 -11.04 -14.37
N VAL B 314 -38.15 -10.92 -13.33
CA VAL B 314 -38.67 -10.72 -11.97
C VAL B 314 -38.19 -9.39 -11.48
N VAL B 315 -39.12 -8.58 -10.99
CA VAL B 315 -38.82 -7.22 -10.54
C VAL B 315 -39.45 -6.90 -9.19
N GLU B 316 -38.65 -6.37 -8.29
CA GLU B 316 -39.17 -5.96 -7.00
C GLU B 316 -38.54 -4.63 -6.56
N ASP B 317 -39.35 -3.68 -6.11
CA ASP B 317 -38.87 -2.38 -5.62
C ASP B 317 -37.89 -1.71 -6.55
N ALA B 318 -38.19 -1.81 -7.84
CA ALA B 318 -37.41 -1.19 -8.91
C ALA B 318 -38.08 0.04 -9.49
N ASN B 319 -37.28 0.87 -10.14
CA ASN B 319 -37.80 2.04 -10.78
C ASN B 319 -37.22 2.15 -12.20
N LEU B 320 -38.08 2.00 -13.21
CA LEU B 320 -37.65 2.13 -14.59
C LEU B 320 -38.24 3.41 -15.20
N ALA B 321 -37.38 4.27 -15.74
CA ALA B 321 -37.82 5.50 -16.42
C ALA B 321 -38.41 5.02 -17.78
N ALA B 322 -38.80 5.95 -18.64
CA ALA B 322 -39.36 5.63 -19.97
C ALA B 322 -38.41 4.87 -20.92
N ALA B 323 -38.99 4.10 -21.83
CA ALA B 323 -38.23 3.46 -22.92
C ALA B 323 -37.14 2.47 -22.53
N CYS B 324 -37.23 1.90 -21.35
CA CYS B 324 -36.26 0.92 -20.92
C CYS B 324 -36.67 -0.46 -21.46
N THR B 325 -35.68 -1.33 -21.62
CA THR B 325 -35.95 -2.69 -22.08
C THR B 325 -35.17 -3.63 -21.16
N ILE B 326 -35.86 -4.59 -20.55
CA ILE B 326 -35.20 -5.53 -19.68
C ILE B 326 -35.66 -6.99 -19.99
N GLY B 327 -34.74 -7.90 -19.74
CA GLY B 327 -35.00 -9.32 -19.94
C GLY B 327 -34.70 -9.72 -21.37
N PRO B 328 -35.08 -10.94 -21.73
CA PRO B 328 -35.78 -11.88 -20.82
C PRO B 328 -34.85 -12.48 -19.77
N PHE B 329 -35.41 -13.09 -18.73
CA PHE B 329 -34.61 -13.71 -17.69
C PHE B 329 -33.75 -12.66 -16.98
N ALA B 330 -34.33 -11.50 -16.67
CA ALA B 330 -33.61 -10.50 -15.90
C ALA B 330 -34.17 -10.56 -14.46
N ARG B 331 -33.37 -10.11 -13.51
CA ARG B 331 -33.80 -10.18 -12.12
C ARG B 331 -33.42 -8.87 -11.48
N LEU B 332 -34.43 -8.03 -11.19
CA LEU B 332 -34.14 -6.73 -10.56
C LEU B 332 -34.60 -6.79 -9.13
N ARG B 333 -33.70 -6.43 -8.23
CA ARG B 333 -33.99 -6.46 -6.81
C ARG B 333 -34.16 -5.04 -6.27
N PRO B 334 -34.54 -4.86 -4.95
CA PRO B 334 -34.76 -3.52 -4.35
C PRO B 334 -33.63 -2.56 -4.58
N GLY B 335 -33.99 -1.36 -5.01
CA GLY B 335 -32.99 -0.36 -5.28
C GLY B 335 -32.58 -0.39 -6.75
N ALA B 336 -33.08 -1.36 -7.54
CA ALA B 336 -32.73 -1.38 -8.98
C ALA B 336 -33.36 -0.12 -9.63
N GLU B 337 -32.55 0.65 -10.34
CA GLU B 337 -33.06 1.88 -10.95
C GLU B 337 -32.47 2.06 -12.32
N LEU B 338 -33.34 2.24 -13.32
CA LEU B 338 -32.90 2.44 -14.68
C LEU B 338 -33.34 3.82 -15.20
N LEU B 339 -32.42 4.56 -15.79
CA LEU B 339 -32.76 5.86 -16.36
C LEU B 339 -33.24 5.66 -17.78
N GLU B 340 -33.76 6.72 -18.37
CA GLU B 340 -34.33 6.61 -19.71
C GLU B 340 -33.53 5.85 -20.74
N GLY B 341 -34.16 4.89 -21.42
CA GLY B 341 -33.50 4.13 -22.48
C GLY B 341 -32.49 3.05 -22.06
N ALA B 342 -32.36 2.78 -20.77
CA ALA B 342 -31.43 1.76 -20.32
C ALA B 342 -31.89 0.37 -20.74
N HIS B 343 -30.94 -0.55 -20.86
CA HIS B 343 -31.25 -1.92 -21.26
C HIS B 343 -30.54 -2.95 -20.38
N VAL B 344 -31.28 -3.99 -19.99
CA VAL B 344 -30.74 -5.06 -19.16
C VAL B 344 -31.12 -6.32 -19.92
N GLY B 345 -30.13 -7.15 -20.25
CA GLY B 345 -30.40 -8.36 -21.02
C GLY B 345 -30.69 -9.59 -20.21
N ASN B 346 -30.34 -10.75 -20.75
CA ASN B 346 -30.61 -12.01 -20.09
C ASN B 346 -29.59 -12.46 -19.05
N PHE B 347 -30.07 -13.08 -17.98
CA PHE B 347 -29.19 -13.55 -16.93
C PHE B 347 -28.41 -12.40 -16.30
N VAL B 348 -29.09 -11.29 -16.10
CA VAL B 348 -28.50 -10.13 -15.46
C VAL B 348 -29.27 -9.88 -14.15
N GLU B 349 -28.55 -9.52 -13.11
CA GLU B 349 -29.13 -9.23 -11.80
C GLU B 349 -28.70 -7.86 -11.36
N MET B 350 -29.64 -7.08 -10.82
CA MET B 350 -29.33 -5.77 -10.27
C MET B 350 -29.96 -5.66 -8.89
N LYS B 351 -29.18 -5.11 -7.97
CA LYS B 351 -29.53 -4.81 -6.57
C LYS B 351 -28.93 -3.43 -6.16
N LYS B 352 -29.74 -2.51 -5.64
CA LYS B 352 -29.21 -1.18 -5.25
C LYS B 352 -28.23 -0.65 -6.28
N ALA B 353 -28.71 -0.53 -7.50
CA ALA B 353 -27.84 -0.10 -8.56
C ALA B 353 -28.62 0.72 -9.55
N ARG B 354 -27.99 1.77 -10.05
CA ARG B 354 -28.63 2.62 -11.02
C ARG B 354 -27.85 2.53 -12.34
N LEU B 355 -28.56 2.33 -13.45
CA LEU B 355 -27.95 2.18 -14.76
C LEU B 355 -28.46 3.42 -15.47
N GLY B 356 -27.54 4.28 -15.94
CA GLY B 356 -27.87 5.55 -16.58
C GLY B 356 -28.51 5.51 -17.95
N LYS B 357 -28.79 6.70 -18.48
CA LYS B 357 -29.48 6.82 -19.77
C LYS B 357 -28.82 6.18 -20.94
N GLY B 358 -29.56 5.37 -21.68
CA GLY B 358 -28.99 4.71 -22.83
C GLY B 358 -27.90 3.70 -22.45
N SER B 359 -27.76 3.37 -21.17
CA SER B 359 -26.72 2.39 -20.80
C SER B 359 -27.21 0.96 -20.92
N LYS B 360 -26.29 0.04 -21.15
CA LYS B 360 -26.62 -1.37 -21.37
C LYS B 360 -25.81 -2.38 -20.60
N ALA B 361 -26.49 -3.38 -20.04
CA ALA B 361 -25.84 -4.50 -19.36
C ALA B 361 -26.65 -5.67 -19.97
N GLY B 362 -26.17 -6.19 -21.11
CA GLY B 362 -26.93 -7.21 -21.80
C GLY B 362 -26.82 -8.68 -21.46
N HIS B 363 -25.83 -9.08 -20.66
CA HIS B 363 -25.67 -10.51 -20.42
C HIS B 363 -24.83 -10.97 -19.23
N LEU B 364 -25.34 -12.01 -18.54
CA LEU B 364 -24.60 -12.72 -17.52
C LEU B 364 -23.79 -11.81 -16.64
N THR B 365 -24.49 -10.88 -15.98
CA THR B 365 -23.86 -9.87 -15.18
C THR B 365 -24.52 -9.63 -13.85
N TYR B 366 -23.71 -9.26 -12.88
CA TYR B 366 -24.25 -8.90 -11.60
C TYR B 366 -23.82 -7.47 -11.28
N LEU B 367 -24.80 -6.63 -11.01
CA LEU B 367 -24.55 -5.25 -10.62
C LEU B 367 -25.17 -4.96 -9.25
N GLY B 368 -24.35 -4.81 -8.22
CA GLY B 368 -24.83 -4.54 -6.88
C GLY B 368 -24.14 -3.33 -6.27
N ASP B 369 -24.90 -2.44 -5.60
CA ASP B 369 -24.32 -1.24 -4.94
C ASP B 369 -23.47 -0.49 -5.92
N ALA B 370 -24.10 -0.01 -6.98
CA ALA B 370 -23.37 0.66 -8.02
C ALA B 370 -24.11 1.84 -8.62
N GLU B 371 -23.33 2.81 -9.11
CA GLU B 371 -23.86 3.96 -9.81
C GLU B 371 -23.15 4.01 -11.14
N ILE B 372 -23.90 3.79 -12.22
CA ILE B 372 -23.36 3.77 -13.56
C ILE B 372 -23.97 4.94 -14.36
N GLY B 373 -23.09 5.71 -15.03
CA GLY B 373 -23.49 6.86 -15.85
C GLY B 373 -24.23 6.54 -17.13
N ASP B 374 -24.36 7.52 -18.02
CA ASP B 374 -25.07 7.39 -19.28
C ASP B 374 -24.18 6.93 -20.42
N ASN B 375 -24.80 6.32 -21.41
CA ASN B 375 -24.09 5.83 -22.55
C ASN B 375 -22.94 4.85 -22.12
N VAL B 376 -23.24 4.03 -21.13
CA VAL B 376 -22.23 3.07 -20.68
C VAL B 376 -22.55 1.72 -21.23
N ASN B 377 -21.53 0.96 -21.56
CA ASN B 377 -21.77 -0.37 -22.06
C ASN B 377 -21.04 -1.35 -21.12
N ILE B 378 -21.81 -2.27 -20.51
CA ILE B 378 -21.30 -3.28 -19.58
C ILE B 378 -21.20 -4.64 -20.31
N GLY B 379 -19.98 -5.04 -20.67
CA GLY B 379 -19.82 -6.33 -21.37
C GLY B 379 -20.31 -7.53 -20.57
N ALA B 380 -20.66 -8.60 -21.27
CA ALA B 380 -21.14 -9.84 -20.65
C ALA B 380 -20.17 -10.35 -19.62
N GLY B 381 -20.72 -10.94 -18.56
CA GLY B 381 -19.95 -11.56 -17.49
C GLY B 381 -19.34 -10.58 -16.50
N THR B 382 -19.65 -9.30 -16.62
CA THR B 382 -19.11 -8.29 -15.68
C THR B 382 -19.74 -8.43 -14.27
N ILE B 383 -18.94 -8.30 -13.24
CA ILE B 383 -19.45 -8.45 -11.88
C ILE B 383 -18.90 -7.39 -10.92
N THR B 384 -19.78 -6.77 -10.16
CA THR B 384 -19.32 -5.80 -9.20
C THR B 384 -19.10 -6.61 -7.88
N CYS B 385 -17.86 -6.69 -7.39
CA CYS B 385 -17.55 -7.37 -6.11
C CYS B 385 -17.78 -6.34 -5.03
N ASN B 386 -19.00 -6.31 -4.55
CA ASN B 386 -19.41 -5.35 -3.54
C ASN B 386 -19.29 -5.84 -2.10
N TYR B 387 -18.89 -7.09 -1.90
CA TYR B 387 -18.89 -7.71 -0.56
C TYR B 387 -17.57 -8.29 -0.16
N ASP B 388 -17.05 -7.87 0.99
CA ASP B 388 -15.78 -8.41 1.47
C ASP B 388 -15.92 -9.48 2.59
N GLY B 389 -17.15 -9.90 2.88
CA GLY B 389 -17.37 -10.90 3.91
C GLY B 389 -18.00 -10.30 5.15
N ALA B 390 -17.88 -8.99 5.31
CA ALA B 390 -18.46 -8.27 6.45
C ALA B 390 -19.19 -6.99 6.03
N ASN B 391 -18.54 -6.19 5.17
CA ASN B 391 -19.09 -4.95 4.65
C ASN B 391 -19.33 -4.96 3.10
N LYS B 392 -20.12 -4.00 2.65
CA LYS B 392 -20.46 -3.88 1.25
C LYS B 392 -20.00 -2.50 0.84
N PHE B 393 -19.46 -2.40 -0.39
CA PHE B 393 -18.93 -1.16 -0.94
C PHE B 393 -19.49 -0.78 -2.28
N LYS B 394 -19.38 0.51 -2.60
CA LYS B 394 -19.91 1.04 -3.82
C LYS B 394 -18.99 1.07 -5.04
N THR B 395 -19.57 0.79 -6.20
CA THR B 395 -18.83 0.83 -7.44
C THR B 395 -19.39 2.02 -8.17
N ILE B 396 -18.51 2.85 -8.69
CA ILE B 396 -18.96 4.01 -9.45
C ILE B 396 -18.37 4.01 -10.87
N ILE B 397 -19.24 4.11 -11.88
CA ILE B 397 -18.81 4.17 -13.27
C ILE B 397 -19.34 5.43 -13.99
N GLY B 398 -18.43 6.28 -14.50
CA GLY B 398 -18.82 7.52 -15.17
C GLY B 398 -19.46 7.30 -16.54
N ASP B 399 -19.85 8.37 -17.19
CA ASP B 399 -20.49 8.27 -18.48
C ASP B 399 -19.49 7.83 -19.57
N ASP B 400 -20.03 7.26 -20.65
CA ASP B 400 -19.26 6.85 -21.82
C ASP B 400 -18.16 5.82 -21.60
N VAL B 401 -18.33 5.03 -20.57
CA VAL B 401 -17.38 3.99 -20.25
C VAL B 401 -17.74 2.70 -20.96
N PHE B 402 -16.74 2.04 -21.49
CA PHE B 402 -16.93 0.76 -22.16
C PHE B 402 -16.28 -0.33 -21.24
N VAL B 403 -17.09 -1.19 -20.61
CA VAL B 403 -16.52 -2.23 -19.72
C VAL B 403 -16.35 -3.54 -20.47
N GLY B 404 -15.12 -3.97 -20.69
CA GLY B 404 -14.92 -5.23 -21.38
C GLY B 404 -15.55 -6.42 -20.66
N SER B 405 -15.88 -7.40 -21.44
CA SER B 405 -16.54 -8.56 -20.89
C SER B 405 -15.70 -9.32 -19.84
N ASP B 406 -16.42 -9.86 -18.86
CA ASP B 406 -15.82 -10.66 -17.79
C ASP B 406 -14.91 -9.87 -16.90
N THR B 407 -15.25 -8.60 -16.75
CA THR B 407 -14.49 -7.73 -15.87
C THR B 407 -14.99 -7.90 -14.41
N GLN B 408 -14.09 -7.83 -13.44
CA GLN B 408 -14.50 -7.86 -12.04
C GLN B 408 -14.13 -6.48 -11.46
N LEU B 409 -15.12 -5.81 -10.91
CA LEU B 409 -14.88 -4.51 -10.30
C LEU B 409 -14.89 -4.68 -8.79
N VAL B 410 -13.72 -4.62 -8.17
CA VAL B 410 -13.60 -4.77 -6.71
C VAL B 410 -13.88 -3.44 -5.98
N ALA B 411 -15.09 -3.28 -5.49
CA ALA B 411 -15.44 -2.05 -4.81
C ALA B 411 -14.67 -1.92 -3.46
N PRO B 412 -14.44 -0.70 -2.98
CA PRO B 412 -14.88 0.54 -3.64
C PRO B 412 -13.93 0.96 -4.74
N VAL B 413 -14.49 1.44 -5.84
CA VAL B 413 -13.64 1.85 -6.94
C VAL B 413 -14.47 2.77 -7.85
N THR B 414 -13.76 3.65 -8.54
CA THR B 414 -14.38 4.60 -9.45
C THR B 414 -13.75 4.53 -10.84
N VAL B 415 -14.59 4.48 -11.86
CA VAL B 415 -14.09 4.44 -13.22
C VAL B 415 -14.45 5.79 -13.88
N GLY B 416 -13.44 6.56 -14.23
CA GLY B 416 -13.69 7.87 -14.83
C GLY B 416 -14.39 7.81 -16.17
N LYS B 417 -15.09 8.89 -16.47
CA LYS B 417 -15.80 8.94 -17.71
C LYS B 417 -14.91 8.74 -18.91
N GLY B 418 -15.49 8.09 -19.92
CA GLY B 418 -14.77 7.90 -21.17
C GLY B 418 -13.76 6.78 -21.15
N ALA B 419 -13.52 6.24 -19.96
CA ALA B 419 -12.59 5.14 -19.81
C ALA B 419 -13.01 3.84 -20.51
N THR B 420 -12.03 3.02 -20.80
CA THR B 420 -12.27 1.71 -21.39
C THR B 420 -11.62 0.65 -20.49
N ILE B 421 -12.35 -0.42 -20.21
CA ILE B 421 -11.75 -1.49 -19.40
C ILE B 421 -11.60 -2.72 -20.29
N ALA B 422 -10.38 -3.24 -20.40
CA ALA B 422 -10.08 -4.45 -21.22
C ALA B 422 -10.86 -5.68 -20.75
N ALA B 423 -11.22 -6.58 -21.65
CA ALA B 423 -11.95 -7.80 -21.25
C ALA B 423 -11.06 -8.56 -20.30
N GLY B 424 -11.65 -9.18 -19.26
CA GLY B 424 -10.95 -10.01 -18.29
C GLY B 424 -10.10 -9.27 -17.31
N THR B 425 -10.39 -7.98 -17.12
CA THR B 425 -9.60 -7.17 -16.22
C THR B 425 -10.14 -7.27 -14.78
N THR B 426 -9.25 -7.29 -13.79
CA THR B 426 -9.70 -7.25 -12.38
C THR B 426 -9.35 -5.81 -12.00
N VAL B 427 -10.39 -5.00 -11.72
CA VAL B 427 -10.23 -3.58 -11.34
C VAL B 427 -10.23 -3.40 -9.82
N THR B 428 -9.09 -3.05 -9.24
CA THR B 428 -8.95 -2.87 -7.81
C THR B 428 -8.66 -1.39 -7.45
N ARG B 429 -8.40 -0.56 -8.46
CA ARG B 429 -8.09 0.82 -8.20
C ARG B 429 -8.86 1.71 -9.16
N ASN B 430 -8.99 2.98 -8.80
CA ASN B 430 -9.72 3.91 -9.67
C ASN B 430 -9.10 4.01 -11.06
N VAL B 431 -9.95 4.24 -12.06
CA VAL B 431 -9.51 4.33 -13.43
C VAL B 431 -9.67 5.78 -13.94
N GLY B 432 -8.59 6.33 -14.48
CA GLY B 432 -8.64 7.68 -14.95
C GLY B 432 -9.59 7.86 -16.12
N GLU B 433 -10.05 9.09 -16.25
CA GLU B 433 -10.98 9.45 -17.32
C GLU B 433 -10.24 9.21 -18.59
N ASN B 434 -10.96 8.73 -19.59
CA ASN B 434 -10.40 8.46 -20.91
C ASN B 434 -9.24 7.48 -20.97
N ALA B 435 -9.02 6.74 -19.88
CA ALA B 435 -7.92 5.77 -19.89
C ALA B 435 -8.36 4.34 -20.11
N LEU B 436 -7.40 3.55 -20.61
CA LEU B 436 -7.65 2.12 -20.73
C LEU B 436 -7.11 1.41 -19.45
N ALA B 437 -7.95 0.65 -18.76
CA ALA B 437 -7.47 -0.12 -17.61
C ALA B 437 -7.33 -1.55 -18.12
N ILE B 438 -6.27 -2.20 -17.69
CA ILE B 438 -5.99 -3.55 -18.11
C ILE B 438 -5.16 -4.39 -17.09
N SER B 439 -5.34 -5.71 -17.08
CA SER B 439 -4.55 -6.53 -16.17
C SER B 439 -4.50 -7.92 -16.81
N ARG B 440 -3.74 -8.04 -17.90
CA ARG B 440 -3.74 -9.32 -18.54
C ARG B 440 -2.43 -9.92 -18.90
N VAL B 441 -2.42 -11.24 -18.89
CA VAL B 441 -1.24 -11.99 -19.23
C VAL B 441 -1.30 -12.15 -20.74
N PRO B 442 -0.16 -11.94 -21.43
CA PRO B 442 -0.18 -12.09 -22.90
C PRO B 442 -0.45 -13.54 -23.18
N GLN B 443 -1.18 -13.78 -24.25
CA GLN B 443 -1.52 -15.12 -24.69
C GLN B 443 -0.25 -15.81 -25.21
N THR B 444 -0.04 -17.07 -24.84
CA THR B 444 1.12 -17.83 -25.29
C THR B 444 0.55 -19.13 -25.76
N GLN B 445 1.38 -19.99 -26.33
CA GLN B 445 0.92 -21.25 -26.93
C GLN B 445 1.91 -22.41 -26.77
N LYS B 446 1.39 -23.62 -26.55
CA LYS B 446 2.24 -24.83 -26.47
C LYS B 446 1.74 -25.78 -27.58
N GLU B 447 2.63 -26.15 -28.49
CA GLU B 447 2.31 -27.03 -29.62
C GLU B 447 2.06 -28.48 -29.25
N GLY B 448 1.26 -29.15 -30.08
CA GLY B 448 0.97 -30.55 -29.86
C GLY B 448 0.50 -30.91 -28.46
N TRP B 449 -0.57 -30.24 -28.01
CA TRP B 449 -1.11 -30.53 -26.70
C TRP B 449 -2.13 -31.66 -26.77
N ARG B 450 -1.86 -32.74 -26.03
CA ARG B 450 -2.74 -33.92 -26.00
C ARG B 450 -3.60 -33.93 -24.75
N ARG B 451 -4.90 -33.86 -24.97
CA ARG B 451 -5.85 -33.85 -23.87
C ARG B 451 -5.85 -35.22 -23.19
N PRO B 452 -6.12 -35.26 -21.88
CA PRO B 452 -6.16 -36.52 -21.13
C PRO B 452 -7.04 -37.55 -21.83
N VAL B 453 -6.72 -38.81 -21.63
CA VAL B 453 -7.48 -39.90 -22.26
C VAL B 453 -8.35 -40.64 -21.23
N LYS B 454 -9.00 -41.71 -21.71
CA LYS B 454 -9.87 -42.62 -20.93
C LYS B 454 -11.19 -41.96 -20.54
#